data_2LJ7
#
_entry.id   2LJ7
#
_entity_poly.entity_id   1
_entity_poly.type   'polypeptide(L)'
_entity_poly.pdbx_seq_one_letter_code
;KTCENLSDSFKGPCIPDGNCNKHCKEKEHLLSGRCRDDFRCWCTRNC
;
_entity_poly.pdbx_strand_id   A
#
# COMPACT_ATOMS: atom_id res chain seq x y z
N LYS A 1 -12.26 1.50 -12.64
CA LYS A 1 -11.69 0.24 -12.18
C LYS A 1 -10.39 0.48 -11.43
N THR A 2 -9.98 -0.50 -10.64
CA THR A 2 -8.75 -0.40 -9.86
C THR A 2 -8.06 -1.76 -9.74
N CYS A 3 -6.74 -1.74 -9.64
CA CYS A 3 -5.96 -2.97 -9.52
C CYS A 3 -5.09 -2.94 -8.27
N GLU A 4 -4.67 -4.11 -7.82
CA GLU A 4 -3.82 -4.23 -6.64
C GLU A 4 -2.47 -4.84 -6.98
N ASN A 5 -1.40 -4.21 -6.51
CA ASN A 5 -0.05 -4.70 -6.76
C ASN A 5 0.83 -4.54 -5.52
N LEU A 6 1.84 -5.41 -5.41
CA LEU A 6 2.75 -5.37 -4.28
C LEU A 6 3.59 -4.09 -4.30
N SER A 7 3.72 -3.46 -3.13
CA SER A 7 4.49 -2.23 -3.02
C SER A 7 5.93 -2.45 -3.45
N ASP A 8 6.72 -1.38 -3.44
CA ASP A 8 8.12 -1.45 -3.84
C ASP A 8 8.95 -2.13 -2.75
N SER A 9 8.95 -1.54 -1.56
CA SER A 9 9.71 -2.09 -0.44
C SER A 9 9.11 -1.65 0.89
N PHE A 10 7.82 -1.91 1.08
CA PHE A 10 7.13 -1.54 2.30
C PHE A 10 7.33 -2.60 3.38
N LYS A 11 7.99 -2.21 4.47
CA LYS A 11 8.25 -3.12 5.57
C LYS A 11 7.77 -2.52 6.89
N GLY A 12 7.96 -3.27 7.98
CA GLY A 12 7.55 -2.80 9.29
C GLY A 12 6.08 -3.08 9.57
N PRO A 13 5.70 -2.97 10.85
CA PRO A 13 4.31 -3.22 11.29
C PRO A 13 3.36 -2.14 10.80
N CYS A 14 2.14 -2.55 10.47
CA CYS A 14 1.13 -1.61 9.98
C CYS A 14 0.32 -1.05 11.14
N ILE A 15 -0.38 0.06 10.89
CA ILE A 15 -1.18 0.70 11.91
C ILE A 15 -2.66 0.73 11.51
N PRO A 16 -3.54 0.88 12.51
CA PRO A 16 -4.99 0.92 12.28
C PRO A 16 -5.42 2.20 11.58
N ASP A 17 -4.49 3.15 11.45
CA ASP A 17 -4.78 4.41 10.79
C ASP A 17 -4.50 4.33 9.29
N GLY A 18 -3.56 3.47 8.93
CA GLY A 18 -3.20 3.32 7.53
C GLY A 18 -1.82 3.85 7.21
N ASN A 19 -0.87 2.95 7.05
CA ASN A 19 0.52 3.33 6.74
C ASN A 19 0.88 2.94 5.32
N CYS A 20 0.15 1.99 4.76
CA CYS A 20 0.41 1.53 3.40
C CYS A 20 -0.17 2.50 2.37
N ASN A 21 -1.18 3.25 2.78
CA ASN A 21 -1.82 4.22 1.90
C ASN A 21 -0.93 5.44 1.69
N LYS A 22 -0.68 6.18 2.76
CA LYS A 22 0.16 7.36 2.70
C LYS A 22 1.47 7.07 1.99
N HIS A 23 1.95 5.84 2.13
CA HIS A 23 3.20 5.43 1.49
C HIS A 23 3.05 5.44 -0.03
N CYS A 24 2.25 4.53 -0.56
CA CYS A 24 2.03 4.45 -2.00
C CYS A 24 1.36 5.71 -2.53
N LYS A 25 0.80 6.49 -1.62
CA LYS A 25 0.13 7.74 -1.98
C LYS A 25 1.12 8.89 -2.05
N GLU A 26 2.21 8.78 -1.30
CA GLU A 26 3.23 9.82 -1.26
C GLU A 26 4.39 9.48 -2.21
N LYS A 27 4.48 8.20 -2.58
CA LYS A 27 5.53 7.74 -3.47
C LYS A 27 4.98 7.49 -4.88
N GLU A 28 4.19 6.44 -5.02
CA GLU A 28 3.60 6.10 -6.32
C GLU A 28 2.34 6.91 -6.57
N HIS A 29 1.99 7.75 -5.60
CA HIS A 29 0.79 8.59 -5.73
C HIS A 29 -0.41 7.77 -6.17
N LEU A 30 -0.60 6.61 -5.54
CA LEU A 30 -1.71 5.73 -5.88
C LEU A 30 -2.96 6.12 -5.10
N LEU A 31 -4.00 5.30 -5.21
CA LEU A 31 -5.26 5.55 -4.52
C LEU A 31 -5.13 5.26 -3.03
N SER A 32 -4.66 4.06 -2.71
CA SER A 32 -4.48 3.66 -1.32
C SER A 32 -3.60 2.42 -1.22
N GLY A 33 -3.42 1.92 0.00
CA GLY A 33 -2.61 0.74 0.21
C GLY A 33 -2.98 -0.02 1.47
N ARG A 34 -2.55 -1.28 1.55
CA ARG A 34 -2.86 -2.11 2.71
C ARG A 34 -1.71 -3.07 3.01
N CYS A 35 -1.44 -3.27 4.29
CA CYS A 35 -0.37 -4.16 4.72
C CYS A 35 -0.91 -5.57 5.00
N ARG A 36 0.00 -6.54 5.04
CA ARG A 36 -0.38 -7.92 5.31
C ARG A 36 0.55 -8.56 6.34
N ASP A 37 0.19 -9.75 6.80
CA ASP A 37 0.99 -10.46 7.79
C ASP A 37 2.19 -11.14 7.12
N ASP A 38 2.18 -11.16 5.79
CA ASP A 38 3.27 -11.78 5.04
C ASP A 38 4.38 -10.78 4.76
N PHE A 39 4.43 -9.72 5.55
CA PHE A 39 5.44 -8.68 5.38
C PHE A 39 5.34 -8.03 4.00
N ARG A 40 4.19 -8.20 3.36
CA ARG A 40 3.97 -7.65 2.04
C ARG A 40 2.82 -6.65 2.06
N CYS A 41 2.95 -5.57 1.29
CA CYS A 41 1.92 -4.54 1.21
C CYS A 41 1.38 -4.42 -0.20
N TRP A 42 0.07 -4.21 -0.31
CA TRP A 42 -0.58 -4.08 -1.61
C TRP A 42 -1.14 -2.66 -1.80
N CYS A 43 -0.88 -2.07 -2.96
CA CYS A 43 -1.36 -0.73 -3.26
C CYS A 43 -2.43 -0.77 -4.35
N THR A 44 -3.48 0.02 -4.16
CA THR A 44 -4.57 0.09 -5.12
C THR A 44 -4.42 1.27 -6.05
N ARG A 45 -4.52 1.03 -7.35
CA ARG A 45 -4.38 2.08 -8.35
C ARG A 45 -5.45 1.94 -9.44
N ASN A 46 -5.62 2.99 -10.23
CA ASN A 46 -6.60 2.99 -11.31
C ASN A 46 -6.12 2.11 -12.47
N CYS A 47 -7.02 1.29 -12.99
CA CYS A 47 -6.71 0.41 -14.10
C CYS A 47 -7.96 0.02 -14.88
N LYS A 1 -12.54 1.27 -12.33
CA LYS A 1 -11.92 0.02 -11.89
C LYS A 1 -10.58 0.29 -11.22
N THR A 2 -10.12 -0.68 -10.42
CA THR A 2 -8.85 -0.54 -9.72
C THR A 2 -8.14 -1.89 -9.61
N CYS A 3 -6.81 -1.85 -9.57
CA CYS A 3 -6.02 -3.07 -9.47
C CYS A 3 -5.13 -3.03 -8.23
N GLU A 4 -4.68 -4.20 -7.79
CA GLU A 4 -3.83 -4.31 -6.62
C GLU A 4 -2.46 -4.89 -6.98
N ASN A 5 -1.41 -4.24 -6.50
CA ASN A 5 -0.04 -4.69 -6.77
C ASN A 5 0.85 -4.50 -5.55
N LEU A 6 1.88 -5.34 -5.45
CA LEU A 6 2.81 -5.25 -4.33
C LEU A 6 3.60 -3.95 -4.37
N SER A 7 3.71 -3.30 -3.22
CA SER A 7 4.44 -2.04 -3.13
C SER A 7 5.89 -2.22 -3.56
N ASP A 8 6.66 -1.13 -3.48
CA ASP A 8 8.07 -1.17 -3.87
C ASP A 8 8.90 -1.94 -2.83
N SER A 9 8.93 -1.42 -1.62
CA SER A 9 9.69 -2.05 -0.54
C SER A 9 9.15 -1.63 0.83
N PHE A 10 7.85 -1.84 1.03
CA PHE A 10 7.20 -1.49 2.28
C PHE A 10 7.38 -2.60 3.32
N LYS A 11 8.04 -2.27 4.42
CA LYS A 11 8.26 -3.25 5.49
C LYS A 11 7.68 -2.76 6.81
N GLY A 12 7.83 -3.56 7.85
CA GLY A 12 7.32 -3.20 9.15
C GLY A 12 5.81 -3.05 9.16
N PRO A 13 5.23 -3.00 10.36
CA PRO A 13 3.78 -2.87 10.53
C PRO A 13 3.27 -1.49 10.13
N CYS A 14 1.97 -1.27 10.27
CA CYS A 14 1.36 0.01 9.93
C CYS A 14 0.28 0.40 10.95
N ILE A 15 0.27 1.67 11.32
CA ILE A 15 -0.69 2.17 12.29
C ILE A 15 -2.12 1.80 11.88
N PRO A 16 -3.03 1.79 12.86
CA PRO A 16 -4.44 1.45 12.63
C PRO A 16 -5.17 2.51 11.82
N ASP A 17 -4.50 3.64 11.58
CA ASP A 17 -5.08 4.73 10.83
C ASP A 17 -4.72 4.62 9.35
N GLY A 18 -3.42 4.65 9.05
CA GLY A 18 -2.97 4.55 7.68
C GLY A 18 -2.21 3.28 7.40
N ASN A 19 -2.85 2.32 6.74
CA ASN A 19 -2.22 1.05 6.42
C ASN A 19 -1.55 1.10 5.04
N CYS A 20 -0.28 1.52 5.03
CA CYS A 20 0.46 1.61 3.79
C CYS A 20 -0.19 2.59 2.83
N ASN A 21 -1.06 3.45 3.36
CA ASN A 21 -1.76 4.43 2.53
C ASN A 21 -0.84 5.61 2.20
N LYS A 22 -0.42 6.34 3.22
CA LYS A 22 0.46 7.48 3.03
C LYS A 22 1.71 7.08 2.25
N HIS A 23 2.16 5.85 2.45
CA HIS A 23 3.34 5.34 1.77
C HIS A 23 3.10 5.25 0.26
N CYS A 24 2.18 4.38 -0.12
CA CYS A 24 1.86 4.20 -1.54
C CYS A 24 1.35 5.49 -2.16
N LYS A 25 0.90 6.42 -1.31
CA LYS A 25 0.40 7.70 -1.77
C LYS A 25 1.52 8.73 -1.87
N GLU A 26 2.60 8.50 -1.12
CA GLU A 26 3.75 9.40 -1.12
C GLU A 26 4.82 8.91 -2.09
N LYS A 27 4.74 7.63 -2.44
CA LYS A 27 5.71 7.03 -3.36
C LYS A 27 5.12 6.90 -4.76
N GLU A 28 4.23 5.93 -4.94
CA GLU A 28 3.59 5.71 -6.23
C GLU A 28 2.38 6.62 -6.41
N HIS A 29 2.04 7.35 -5.36
CA HIS A 29 0.90 8.26 -5.39
C HIS A 29 -0.34 7.56 -5.93
N LEU A 30 -0.62 6.38 -5.40
CA LEU A 30 -1.78 5.60 -5.82
C LEU A 30 -3.01 5.97 -5.01
N LEU A 31 -4.10 5.24 -5.21
CA LEU A 31 -5.35 5.49 -4.49
C LEU A 31 -5.19 5.18 -3.01
N SER A 32 -4.70 3.98 -2.71
CA SER A 32 -4.51 3.55 -1.33
C SER A 32 -3.62 2.31 -1.27
N GLY A 33 -3.54 1.71 -0.08
CA GLY A 33 -2.72 0.53 0.09
C GLY A 33 -3.09 -0.25 1.34
N ARG A 34 -2.54 -1.45 1.47
CA ARG A 34 -2.81 -2.30 2.63
C ARG A 34 -1.59 -3.15 2.99
N CYS A 35 -1.50 -3.54 4.25
CA CYS A 35 -0.38 -4.35 4.73
C CYS A 35 -0.80 -5.81 4.86
N ARG A 36 0.20 -6.70 4.92
CA ARG A 36 -0.07 -8.12 5.05
C ARG A 36 0.83 -8.74 6.11
N ASP A 37 0.52 -9.98 6.50
CA ASP A 37 1.29 -10.68 7.51
C ASP A 37 2.57 -11.25 6.91
N ASP A 38 2.64 -11.28 5.58
CA ASP A 38 3.80 -11.80 4.89
C ASP A 38 4.82 -10.69 4.62
N PHE A 39 4.75 -9.62 5.42
CA PHE A 39 5.66 -8.49 5.27
C PHE A 39 5.56 -7.91 3.87
N ARG A 40 4.35 -7.89 3.31
CA ARG A 40 4.12 -7.36 1.98
C ARG A 40 2.94 -6.40 1.97
N CYS A 41 3.05 -5.32 1.20
CA CYS A 41 1.99 -4.33 1.11
C CYS A 41 1.41 -4.28 -0.31
N TRP A 42 0.10 -4.11 -0.39
CA TRP A 42 -0.58 -4.05 -1.68
C TRP A 42 -1.20 -2.68 -1.90
N CYS A 43 -0.77 -1.99 -2.96
CA CYS A 43 -1.29 -0.67 -3.28
C CYS A 43 -2.37 -0.76 -4.36
N THR A 44 -3.44 0.01 -4.16
CA THR A 44 -4.55 0.02 -5.11
C THR A 44 -4.46 1.22 -6.06
N ARG A 45 -4.58 0.96 -7.35
CA ARG A 45 -4.50 2.02 -8.35
C ARG A 45 -5.59 1.85 -9.41
N ASN A 46 -5.79 2.88 -10.21
CA ASN A 46 -6.81 2.84 -11.27
C ASN A 46 -6.35 1.96 -12.43
N CYS A 47 -7.26 1.14 -12.93
CA CYS A 47 -6.95 0.24 -14.04
C CYS A 47 -8.22 -0.18 -14.78
N LYS A 1 -12.54 1.68 -12.10
CA LYS A 1 -11.92 0.41 -11.72
C LYS A 1 -10.58 0.64 -11.04
N THR A 2 -10.13 -0.37 -10.28
CA THR A 2 -8.86 -0.28 -9.58
C THR A 2 -8.17 -1.64 -9.52
N CYS A 3 -6.85 -1.62 -9.48
CA CYS A 3 -6.06 -2.85 -9.42
C CYS A 3 -5.18 -2.87 -8.18
N GLU A 4 -4.75 -4.07 -7.78
CA GLU A 4 -3.91 -4.22 -6.61
C GLU A 4 -2.57 -4.86 -6.99
N ASN A 5 -1.48 -4.25 -6.51
CA ASN A 5 -0.15 -4.76 -6.80
C ASN A 5 0.77 -4.61 -5.59
N LEU A 6 1.78 -5.46 -5.51
CA LEU A 6 2.72 -5.43 -4.39
C LEU A 6 3.56 -4.16 -4.44
N SER A 7 3.68 -3.49 -3.29
CA SER A 7 4.45 -2.25 -3.20
C SER A 7 5.90 -2.48 -3.66
N ASP A 8 6.69 -1.42 -3.61
CA ASP A 8 8.09 -1.51 -4.01
C ASP A 8 8.93 -2.20 -2.94
N SER A 9 9.00 -1.60 -1.77
CA SER A 9 9.76 -2.15 -0.66
C SER A 9 9.22 -1.66 0.68
N PHE A 10 7.93 -1.89 0.92
CA PHE A 10 7.30 -1.47 2.16
C PHE A 10 7.59 -2.45 3.28
N LYS A 11 8.05 -1.93 4.42
CA LYS A 11 8.37 -2.77 5.58
C LYS A 11 8.29 -1.96 6.87
N GLY A 12 7.51 -0.88 6.84
CA GLY A 12 7.37 -0.04 8.01
C GLY A 12 6.11 -0.36 8.80
N PRO A 13 6.13 -0.04 10.10
CA PRO A 13 4.99 -0.30 10.99
C PRO A 13 3.81 0.62 10.69
N CYS A 14 3.06 0.28 9.65
CA CYS A 14 1.89 1.07 9.24
C CYS A 14 0.91 1.21 10.40
N ILE A 15 -0.18 1.91 10.15
CA ILE A 15 -1.20 2.11 11.17
C ILE A 15 -2.53 1.49 10.76
N PRO A 16 -3.41 1.25 11.73
CA PRO A 16 -4.73 0.66 11.50
C PRO A 16 -5.67 1.61 10.76
N ASP A 17 -5.24 2.86 10.61
CA ASP A 17 -6.04 3.86 9.92
C ASP A 17 -5.59 4.01 8.47
N GLY A 18 -4.29 3.89 8.23
CA GLY A 18 -3.76 4.01 6.89
C GLY A 18 -2.74 2.92 6.57
N ASN A 19 -3.18 1.67 6.65
CA ASN A 19 -2.30 0.54 6.37
C ASN A 19 -1.62 0.72 5.01
N CYS A 20 -0.34 1.09 5.04
CA CYS A 20 0.43 1.29 3.83
C CYS A 20 -0.23 2.34 2.93
N ASN A 21 -1.06 3.18 3.53
CA ASN A 21 -1.75 4.24 2.80
C ASN A 21 -0.81 5.40 2.50
N LYS A 22 -0.42 6.12 3.55
CA LYS A 22 0.48 7.26 3.41
C LYS A 22 1.74 6.86 2.63
N HIS A 23 2.15 5.62 2.80
CA HIS A 23 3.35 5.12 2.11
C HIS A 23 3.12 5.07 0.60
N CYS A 24 2.19 4.23 0.17
CA CYS A 24 1.87 4.09 -1.25
C CYS A 24 1.40 5.42 -1.83
N LYS A 25 0.96 6.32 -0.96
CA LYS A 25 0.48 7.62 -1.39
C LYS A 25 1.62 8.64 -1.45
N GLU A 26 2.67 8.38 -0.68
CA GLU A 26 3.83 9.26 -0.64
C GLU A 26 4.91 8.79 -1.61
N LYS A 27 4.82 7.52 -2.00
CA LYS A 27 5.79 6.94 -2.92
C LYS A 27 5.22 6.86 -4.34
N GLU A 28 4.32 5.91 -4.56
CA GLU A 28 3.69 5.73 -5.87
C GLU A 28 2.51 6.66 -6.03
N HIS A 29 2.15 7.36 -4.96
CA HIS A 29 1.03 8.29 -4.98
C HIS A 29 -0.23 7.62 -5.54
N LEU A 30 -0.52 6.42 -5.06
CA LEU A 30 -1.69 5.68 -5.51
C LEU A 30 -2.91 6.04 -4.69
N LEU A 31 -4.00 5.31 -4.92
CA LEU A 31 -5.25 5.55 -4.19
C LEU A 31 -5.10 5.19 -2.72
N SER A 32 -4.62 3.98 -2.45
CA SER A 32 -4.43 3.52 -1.09
C SER A 32 -3.56 2.26 -1.05
N GLY A 33 -3.49 1.63 0.11
CA GLY A 33 -2.68 0.43 0.25
C GLY A 33 -3.10 -0.42 1.44
N ARG A 34 -2.45 -1.55 1.61
CA ARG A 34 -2.77 -2.45 2.72
C ARG A 34 -1.52 -3.20 3.19
N CYS A 35 -1.53 -3.62 4.45
CA CYS A 35 -0.40 -4.35 5.02
C CYS A 35 -0.74 -5.82 5.23
N ARG A 36 0.14 -6.70 4.76
CA ARG A 36 -0.08 -8.14 4.91
C ARG A 36 0.83 -8.72 5.98
N ASP A 37 0.51 -9.92 6.45
CA ASP A 37 1.29 -10.59 7.48
C ASP A 37 2.54 -11.22 6.87
N ASP A 38 2.58 -11.32 5.54
CA ASP A 38 3.71 -11.91 4.85
C ASP A 38 4.74 -10.84 4.48
N PHE A 39 4.79 -9.78 5.28
CA PHE A 39 5.73 -8.70 5.05
C PHE A 39 5.58 -8.14 3.63
N ARG A 40 4.33 -8.07 3.16
CA ARG A 40 4.05 -7.57 1.83
C ARG A 40 2.89 -6.57 1.85
N CYS A 41 3.02 -5.50 1.08
CA CYS A 41 1.98 -4.48 1.01
C CYS A 41 1.37 -4.40 -0.38
N TRP A 42 0.05 -4.21 -0.44
CA TRP A 42 -0.66 -4.13 -1.71
C TRP A 42 -1.26 -2.74 -1.90
N CYS A 43 -0.76 -2.02 -2.90
CA CYS A 43 -1.25 -0.67 -3.20
C CYS A 43 -2.34 -0.72 -4.27
N THR A 44 -3.40 0.06 -4.05
CA THR A 44 -4.51 0.11 -4.99
C THR A 44 -4.41 1.33 -5.90
N ARG A 45 -4.54 1.10 -7.20
CA ARG A 45 -4.46 2.19 -8.17
C ARG A 45 -5.56 2.06 -9.22
N ASN A 46 -5.76 3.12 -10.00
CA ASN A 46 -6.78 3.12 -11.04
C ASN A 46 -6.34 2.27 -12.23
N CYS A 47 -7.27 1.47 -12.76
CA CYS A 47 -6.97 0.61 -13.89
C CYS A 47 -8.25 0.23 -14.63
N LYS A 1 -12.19 0.88 -12.65
CA LYS A 1 -11.50 -0.34 -12.27
C LYS A 1 -10.22 -0.02 -11.51
N THR A 2 -9.71 -1.01 -10.77
CA THR A 2 -8.49 -0.83 -9.99
C THR A 2 -7.68 -2.11 -9.95
N CYS A 3 -6.36 -1.98 -9.84
CA CYS A 3 -5.46 -3.13 -9.78
C CYS A 3 -4.65 -3.12 -8.50
N GLU A 4 -4.13 -4.28 -8.13
CA GLU A 4 -3.33 -4.42 -6.92
C GLU A 4 -1.92 -4.90 -7.25
N ASN A 5 -0.92 -4.26 -6.66
CA ASN A 5 0.47 -4.62 -6.90
C ASN A 5 1.28 -4.50 -5.61
N LEU A 6 2.35 -5.29 -5.52
CA LEU A 6 3.22 -5.27 -4.34
C LEU A 6 3.94 -3.93 -4.22
N SER A 7 3.95 -3.37 -3.02
CA SER A 7 4.61 -2.08 -2.78
C SER A 7 6.09 -2.16 -3.12
N ASP A 8 6.79 -1.05 -2.94
CA ASP A 8 8.22 -0.99 -3.24
C ASP A 8 9.02 -1.75 -2.19
N SER A 9 8.96 -1.28 -0.94
CA SER A 9 9.69 -1.92 0.15
C SER A 9 9.05 -1.59 1.50
N PHE A 10 7.71 -1.56 1.51
CA PHE A 10 6.97 -1.27 2.73
C PHE A 10 6.90 -2.50 3.63
N LYS A 11 7.41 -2.36 4.85
CA LYS A 11 7.41 -3.45 5.82
C LYS A 11 6.54 -3.11 7.02
N GLY A 12 6.43 -4.04 7.96
CA GLY A 12 5.64 -3.82 9.14
C GLY A 12 4.15 -3.82 8.86
N PRO A 13 3.34 -3.99 9.91
CA PRO A 13 1.88 -4.01 9.79
C PRO A 13 1.30 -2.64 9.42
N CYS A 14 -0.02 -2.53 9.48
CA CYS A 14 -0.69 -1.27 9.15
C CYS A 14 -0.79 -0.38 10.38
N ILE A 15 0.22 0.45 10.58
CA ILE A 15 0.24 1.37 11.72
C ILE A 15 -1.07 2.13 11.84
N PRO A 16 -1.36 2.65 13.04
CA PRO A 16 -2.57 3.43 13.30
C PRO A 16 -2.57 4.78 12.62
N ASP A 17 -1.44 5.12 12.00
CA ASP A 17 -1.30 6.39 11.31
C ASP A 17 -0.67 6.20 9.93
N GLY A 18 -1.49 5.85 8.95
CA GLY A 18 -0.98 5.63 7.61
C GLY A 18 -1.55 4.38 6.96
N ASN A 19 -1.19 3.22 7.51
CA ASN A 19 -1.68 1.95 6.99
C ASN A 19 -1.15 1.71 5.57
N CYS A 20 0.07 2.17 5.31
CA CYS A 20 0.67 2.01 3.99
C CYS A 20 -0.04 2.87 2.95
N ASN A 21 -0.99 3.68 3.42
CA ASN A 21 -1.75 4.56 2.53
C ASN A 21 -0.93 5.78 2.13
N LYS A 22 -0.60 6.60 3.12
CA LYS A 22 0.20 7.80 2.88
C LYS A 22 1.48 7.48 2.12
N HIS A 23 2.01 6.28 2.36
CA HIS A 23 3.23 5.85 1.70
C HIS A 23 3.02 5.70 0.19
N CYS A 24 2.14 4.77 -0.18
CA CYS A 24 1.85 4.53 -1.59
C CYS A 24 1.15 5.74 -2.21
N LYS A 25 0.70 6.65 -1.37
CA LYS A 25 0.01 7.85 -1.83
C LYS A 25 0.98 9.01 -1.99
N GLU A 26 2.10 8.95 -1.27
CA GLU A 26 3.11 9.99 -1.33
C GLU A 26 4.21 9.61 -2.31
N LYS A 27 4.31 8.33 -2.63
CA LYS A 27 5.32 7.84 -3.56
C LYS A 27 4.70 7.51 -4.91
N GLU A 28 3.92 6.44 -4.96
CA GLU A 28 3.27 6.02 -6.18
C GLU A 28 1.98 6.80 -6.41
N HIS A 29 1.58 7.57 -5.41
CA HIS A 29 0.36 8.37 -5.49
C HIS A 29 -0.83 7.51 -5.94
N LEU A 30 -0.98 6.34 -5.31
CA LEU A 30 -2.06 5.43 -5.66
C LEU A 30 -3.31 5.73 -4.82
N LEU A 31 -4.30 4.86 -4.92
CA LEU A 31 -5.54 5.03 -4.17
C LEU A 31 -5.34 4.69 -2.69
N SER A 32 -4.80 3.50 -2.43
CA SER A 32 -4.55 3.06 -1.06
C SER A 32 -3.60 1.87 -1.04
N GLY A 33 -3.39 1.30 0.14
CA GLY A 33 -2.51 0.16 0.28
C GLY A 33 -2.76 -0.61 1.55
N ARG A 34 -2.99 -1.92 1.41
CA ARG A 34 -3.24 -2.78 2.57
C ARG A 34 -1.96 -3.49 3.01
N CYS A 35 -1.93 -3.89 4.27
CA CYS A 35 -0.77 -4.58 4.83
C CYS A 35 -1.14 -5.99 5.29
N ARG A 36 -0.43 -6.98 4.76
CA ARG A 36 -0.68 -8.37 5.11
C ARG A 36 0.40 -8.89 6.05
N ASP A 37 0.18 -10.10 6.58
CA ASP A 37 1.14 -10.72 7.49
C ASP A 37 2.33 -11.28 6.73
N ASP A 38 2.26 -11.21 5.41
CA ASP A 38 3.34 -11.72 4.55
C ASP A 38 4.46 -10.70 4.42
N PHE A 39 4.45 -9.70 5.31
CA PHE A 39 5.46 -8.66 5.28
C PHE A 39 5.44 -7.90 3.96
N ARG A 40 4.31 -7.95 3.28
CA ARG A 40 4.15 -7.26 2.01
C ARG A 40 2.90 -6.38 2.00
N CYS A 41 3.02 -5.22 1.37
CA CYS A 41 1.90 -4.28 1.30
C CYS A 41 1.44 -4.10 -0.14
N TRP A 42 0.16 -4.42 -0.38
CA TRP A 42 -0.41 -4.30 -1.72
C TRP A 42 -1.10 -2.95 -1.89
N CYS A 43 -0.67 -2.19 -2.89
CA CYS A 43 -1.25 -0.89 -3.17
C CYS A 43 -2.27 -0.96 -4.30
N THR A 44 -3.41 -0.30 -4.12
CA THR A 44 -4.46 -0.29 -5.12
C THR A 44 -4.42 0.97 -5.96
N ARG A 45 -4.47 0.81 -7.29
CA ARG A 45 -4.44 1.95 -8.20
C ARG A 45 -5.46 1.78 -9.32
N ASN A 46 -5.72 2.86 -10.05
CA ASN A 46 -6.68 2.83 -11.14
C ASN A 46 -6.10 2.09 -12.35
N CYS A 47 -6.91 1.24 -12.96
CA CYS A 47 -6.48 0.47 -14.13
C CYS A 47 -7.69 0.01 -14.94
N LYS A 1 -12.23 1.00 -12.96
CA LYS A 1 -11.56 -0.23 -12.56
C LYS A 1 -10.28 0.07 -11.78
N THR A 2 -9.80 -0.91 -11.02
CA THR A 2 -8.59 -0.74 -10.23
C THR A 2 -7.80 -2.05 -10.15
N CYS A 3 -6.49 -1.93 -10.01
CA CYS A 3 -5.62 -3.09 -9.94
C CYS A 3 -4.84 -3.09 -8.62
N GLU A 4 -4.34 -4.26 -8.24
CA GLU A 4 -3.57 -4.40 -7.00
C GLU A 4 -2.16 -4.91 -7.29
N ASN A 5 -1.17 -4.27 -6.69
CA ASN A 5 0.22 -4.65 -6.88
C ASN A 5 1.02 -4.47 -5.58
N LEU A 6 2.07 -5.27 -5.44
CA LEU A 6 2.92 -5.20 -4.25
C LEU A 6 3.65 -3.87 -4.17
N SER A 7 3.62 -3.25 -3.00
CA SER A 7 4.29 -1.97 -2.79
C SER A 7 5.77 -2.06 -3.13
N ASP A 8 6.46 -0.92 -3.05
CA ASP A 8 7.89 -0.88 -3.34
C ASP A 8 8.68 -1.64 -2.28
N SER A 9 8.60 -1.17 -1.04
CA SER A 9 9.33 -1.80 0.06
C SER A 9 8.66 -1.49 1.40
N PHE A 10 7.35 -1.73 1.47
CA PHE A 10 6.59 -1.47 2.68
C PHE A 10 6.67 -2.66 3.64
N LYS A 11 7.33 -2.46 4.77
CA LYS A 11 7.48 -3.52 5.76
C LYS A 11 6.92 -3.08 7.12
N GLY A 12 7.11 -3.91 8.13
CA GLY A 12 6.61 -3.60 9.46
C GLY A 12 5.19 -4.07 9.68
N PRO A 13 4.77 -4.12 10.94
CA PRO A 13 3.41 -4.55 11.31
C PRO A 13 2.35 -3.55 10.87
N CYS A 14 2.78 -2.46 10.25
CA CYS A 14 1.86 -1.43 9.78
C CYS A 14 1.30 -0.63 10.96
N ILE A 15 1.06 0.66 10.73
CA ILE A 15 0.52 1.54 11.77
C ILE A 15 -0.93 1.92 11.47
N PRO A 16 -1.66 2.31 12.52
CA PRO A 16 -3.06 2.72 12.41
C PRO A 16 -3.23 4.04 11.67
N ASP A 17 -2.45 5.04 12.08
CA ASP A 17 -2.51 6.35 11.46
C ASP A 17 -2.39 6.24 9.94
N GLY A 18 -1.44 5.44 9.48
CA GLY A 18 -1.24 5.26 8.05
C GLY A 18 -1.09 3.80 7.66
N ASN A 19 -2.21 3.16 7.33
CA ASN A 19 -2.21 1.76 6.95
C ASN A 19 -1.65 1.59 5.53
N CYS A 20 -0.40 1.98 5.34
CA CYS A 20 0.24 1.88 4.04
C CYS A 20 -0.44 2.77 3.01
N ASN A 21 -1.30 3.66 3.49
CA ASN A 21 -2.03 4.59 2.62
C ASN A 21 -1.14 5.75 2.19
N LYS A 22 -0.68 6.52 3.17
CA LYS A 22 0.18 7.67 2.91
C LYS A 22 1.44 7.24 2.15
N HIS A 23 1.87 6.00 2.39
CA HIS A 23 3.06 5.47 1.74
C HIS A 23 2.83 5.30 0.24
N CYS A 24 1.88 4.44 -0.12
CA CYS A 24 1.56 4.19 -1.52
C CYS A 24 1.06 5.47 -2.19
N LYS A 25 0.66 6.44 -1.39
CA LYS A 25 0.17 7.71 -1.91
C LYS A 25 1.30 8.72 -2.04
N GLU A 26 2.34 8.53 -1.25
CA GLU A 26 3.50 9.43 -1.29
C GLU A 26 4.57 8.91 -2.23
N LYS A 27 4.50 7.61 -2.54
CA LYS A 27 5.47 6.98 -3.42
C LYS A 27 4.89 6.79 -4.82
N GLU A 28 4.00 5.81 -4.96
CA GLU A 28 3.36 5.52 -6.24
C GLU A 28 2.15 6.42 -6.46
N HIS A 29 1.78 7.17 -5.43
CA HIS A 29 0.64 8.07 -5.51
C HIS A 29 -0.59 7.34 -6.01
N LEU A 30 -0.86 6.17 -5.44
CA LEU A 30 -2.02 5.37 -5.82
C LEU A 30 -3.25 5.74 -5.00
N LEU A 31 -4.31 4.96 -5.15
CA LEU A 31 -5.55 5.20 -4.41
C LEU A 31 -5.38 4.88 -2.94
N SER A 32 -4.89 3.67 -2.65
CA SER A 32 -4.67 3.23 -1.28
C SER A 32 -3.78 2.00 -1.23
N GLY A 33 -3.58 1.47 -0.03
CA GLY A 33 -2.75 0.29 0.13
C GLY A 33 -3.06 -0.48 1.39
N ARG A 34 -3.31 -1.77 1.25
CA ARG A 34 -3.63 -2.62 2.40
C ARG A 34 -2.39 -3.38 2.88
N CYS A 35 -2.28 -3.56 4.19
CA CYS A 35 -1.14 -4.28 4.76
C CYS A 35 -1.45 -5.76 4.92
N ARG A 36 -0.41 -6.58 4.93
CA ARG A 36 -0.57 -8.02 5.07
C ARG A 36 0.41 -8.58 6.10
N ASP A 37 0.14 -9.79 6.57
CA ASP A 37 1.00 -10.44 7.55
C ASP A 37 2.24 -11.02 6.89
N ASP A 38 2.27 -11.00 5.55
CA ASP A 38 3.39 -11.52 4.79
C ASP A 38 4.47 -10.46 4.62
N PHE A 39 4.43 -9.44 5.46
CA PHE A 39 5.40 -8.34 5.40
C PHE A 39 5.32 -7.64 4.05
N ARG A 40 4.16 -7.72 3.41
CA ARG A 40 3.96 -7.08 2.11
C ARG A 40 2.67 -6.27 2.11
N CYS A 41 2.68 -5.15 1.39
CA CYS A 41 1.51 -4.28 1.30
C CYS A 41 1.08 -4.10 -0.15
N TRP A 42 -0.19 -4.39 -0.42
CA TRP A 42 -0.74 -4.26 -1.76
C TRP A 42 -1.39 -2.90 -1.97
N CYS A 43 -0.96 -2.19 -2.99
CA CYS A 43 -1.50 -0.87 -3.29
C CYS A 43 -2.50 -0.94 -4.43
N THR A 44 -3.62 -0.23 -4.29
CA THR A 44 -4.66 -0.21 -5.31
C THR A 44 -4.57 1.05 -6.16
N ARG A 45 -4.60 0.86 -7.47
CA ARG A 45 -4.52 1.99 -8.40
C ARG A 45 -5.53 1.82 -9.55
N ASN A 46 -5.73 2.88 -10.31
CA ASN A 46 -6.66 2.86 -11.43
C ASN A 46 -6.07 2.08 -12.60
N CYS A 47 -6.90 1.24 -13.22
CA CYS A 47 -6.45 0.43 -14.36
C CYS A 47 -7.65 -0.02 -15.20
N LYS A 1 -12.83 1.26 -11.35
CA LYS A 1 -12.16 0.02 -10.99
C LYS A 1 -10.81 0.30 -10.32
N THR A 2 -10.30 -0.68 -9.59
CA THR A 2 -9.02 -0.53 -8.91
C THR A 2 -8.26 -1.85 -8.88
N CYS A 3 -6.94 -1.77 -8.88
CA CYS A 3 -6.09 -2.96 -8.86
C CYS A 3 -5.17 -2.95 -7.64
N GLU A 4 -4.66 -4.12 -7.29
CA GLU A 4 -3.76 -4.24 -6.14
C GLU A 4 -2.39 -4.74 -6.58
N ASN A 5 -1.35 -4.06 -6.11
CA ASN A 5 0.02 -4.43 -6.45
C ASN A 5 0.95 -4.31 -5.24
N LEU A 6 1.99 -5.12 -5.21
CA LEU A 6 2.94 -5.11 -4.11
C LEU A 6 3.72 -3.80 -4.08
N SER A 7 3.88 -3.24 -2.89
CA SER A 7 4.60 -1.98 -2.72
C SER A 7 6.07 -2.14 -3.11
N ASP A 8 6.86 -1.08 -2.90
CA ASP A 8 8.27 -1.10 -3.23
C ASP A 8 9.05 -1.98 -2.26
N SER A 9 9.02 -1.60 -0.98
CA SER A 9 9.73 -2.35 0.05
C SER A 9 9.12 -2.08 1.43
N PHE A 10 7.80 -1.97 1.46
CA PHE A 10 7.08 -1.71 2.72
C PHE A 10 6.82 -3.02 3.46
N LYS A 11 7.35 -3.13 4.67
CA LYS A 11 7.17 -4.32 5.49
C LYS A 11 6.49 -3.97 6.80
N GLY A 12 6.36 -4.97 7.68
CA GLY A 12 5.74 -4.75 8.97
C GLY A 12 4.26 -4.42 8.84
N PRO A 13 3.46 -4.86 9.83
CA PRO A 13 2.01 -4.63 9.84
C PRO A 13 1.66 -3.16 10.08
N CYS A 14 0.47 -2.77 9.64
CA CYS A 14 0.02 -1.39 9.81
C CYS A 14 -1.41 -1.23 9.30
N ILE A 15 -2.05 -0.14 9.71
CA ILE A 15 -3.42 0.14 9.29
C ILE A 15 -3.51 0.34 7.78
N PRO A 16 -4.71 0.14 7.22
CA PRO A 16 -4.95 0.30 5.78
C PRO A 16 -4.87 1.75 5.34
N ASP A 17 -4.79 2.66 6.30
CA ASP A 17 -4.71 4.08 6.01
C ASP A 17 -3.68 4.77 6.90
N GLY A 18 -2.47 4.23 6.90
CA GLY A 18 -1.40 4.80 7.71
C GLY A 18 -0.12 4.99 6.94
N ASN A 19 0.97 4.42 7.45
CA ASN A 19 2.27 4.54 6.80
C ASN A 19 2.19 4.07 5.34
N CYS A 20 1.74 2.84 5.14
CA CYS A 20 1.62 2.28 3.80
C CYS A 20 0.75 3.17 2.91
N ASN A 21 -0.14 3.92 3.54
CA ASN A 21 -1.04 4.82 2.82
C ASN A 21 -0.28 6.05 2.31
N LYS A 22 0.36 6.76 3.22
CA LYS A 22 1.12 7.95 2.86
C LYS A 22 2.32 7.59 1.98
N HIS A 23 2.87 6.40 2.18
CA HIS A 23 4.00 5.93 1.39
C HIS A 23 3.61 5.71 -0.07
N CYS A 24 2.65 4.81 -0.29
CA CYS A 24 2.19 4.51 -1.63
C CYS A 24 1.55 5.73 -2.28
N LYS A 25 1.18 6.71 -1.45
CA LYS A 25 0.57 7.93 -1.94
C LYS A 25 1.62 9.00 -2.20
N GLU A 26 2.76 8.87 -1.53
CA GLU A 26 3.86 9.83 -1.70
C GLU A 26 4.85 9.35 -2.74
N LYS A 27 4.81 8.06 -3.04
CA LYS A 27 5.71 7.47 -4.03
C LYS A 27 4.97 7.16 -5.32
N GLU A 28 4.11 6.14 -5.27
CA GLU A 28 3.35 5.73 -6.45
C GLU A 28 2.09 6.59 -6.59
N HIS A 29 1.82 7.42 -5.59
CA HIS A 29 0.65 8.29 -5.60
C HIS A 29 -0.61 7.50 -5.92
N LEU A 30 -0.79 6.37 -5.24
CA LEU A 30 -1.95 5.52 -5.45
C LEU A 30 -3.11 5.95 -4.55
N LEU A 31 -4.14 5.12 -4.49
CA LEU A 31 -5.30 5.40 -3.66
C LEU A 31 -5.01 5.13 -2.19
N SER A 32 -4.56 3.92 -1.90
CA SER A 32 -4.24 3.55 -0.52
C SER A 32 -3.39 2.28 -0.50
N GLY A 33 -3.12 1.78 0.71
CA GLY A 33 -2.32 0.58 0.85
C GLY A 33 -2.72 -0.25 2.06
N ARG A 34 -2.27 -1.50 2.09
CA ARG A 34 -2.59 -2.39 3.21
C ARG A 34 -1.41 -3.32 3.51
N CYS A 35 -1.01 -3.36 4.77
CA CYS A 35 0.11 -4.20 5.19
C CYS A 35 -0.38 -5.60 5.58
N ARG A 36 0.49 -6.58 5.46
CA ARG A 36 0.15 -7.95 5.79
C ARG A 36 1.25 -8.60 6.64
N ASP A 37 0.96 -9.79 7.16
CA ASP A 37 1.92 -10.50 7.99
C ASP A 37 3.00 -11.16 7.13
N ASP A 38 2.83 -11.07 5.82
CA ASP A 38 3.80 -11.65 4.88
C ASP A 38 4.91 -10.67 4.56
N PHE A 39 5.08 -9.66 5.42
CA PHE A 39 6.10 -8.64 5.22
C PHE A 39 5.94 -7.95 3.87
N ARG A 40 4.70 -7.92 3.38
CA ARG A 40 4.41 -7.29 2.09
C ARG A 40 3.20 -6.36 2.21
N CYS A 41 3.29 -5.20 1.55
CA CYS A 41 2.21 -4.22 1.57
C CYS A 41 1.63 -4.02 0.18
N TRP A 42 0.34 -4.29 0.05
CA TRP A 42 -0.34 -4.13 -1.23
C TRP A 42 -0.98 -2.75 -1.35
N CYS A 43 -0.74 -2.09 -2.48
CA CYS A 43 -1.29 -0.76 -2.70
C CYS A 43 -2.40 -0.79 -3.75
N THR A 44 -3.48 -0.07 -3.48
CA THR A 44 -4.61 -0.04 -4.40
C THR A 44 -4.56 1.20 -5.29
N ARG A 45 -4.73 1.00 -6.59
CA ARG A 45 -4.70 2.10 -7.54
C ARG A 45 -5.81 1.95 -8.58
N ASN A 46 -6.08 3.03 -9.31
CA ASN A 46 -7.12 3.02 -10.33
C ASN A 46 -6.68 2.21 -11.55
N CYS A 47 -7.59 1.38 -12.06
CA CYS A 47 -7.30 0.55 -13.22
C CYS A 47 -8.59 0.12 -13.91
N LYS A 1 -12.44 1.24 -12.51
CA LYS A 1 -11.80 0.00 -12.10
C LYS A 1 -10.49 0.26 -11.37
N THR A 2 -10.02 -0.72 -10.62
CA THR A 2 -8.79 -0.58 -9.86
C THR A 2 -8.04 -1.91 -9.80
N CYS A 3 -6.71 -1.83 -9.72
CA CYS A 3 -5.88 -3.03 -9.65
C CYS A 3 -5.02 -3.02 -8.39
N GLU A 4 -4.54 -4.20 -8.00
CA GLU A 4 -3.71 -4.32 -6.81
C GLU A 4 -2.32 -4.85 -7.16
N ASN A 5 -1.29 -4.19 -6.65
CA ASN A 5 0.08 -4.59 -6.91
C ASN A 5 0.94 -4.45 -5.65
N LEU A 6 1.99 -5.26 -5.57
CA LEU A 6 2.89 -5.24 -4.42
C LEU A 6 3.66 -3.91 -4.36
N SER A 7 3.75 -3.35 -3.16
CA SER A 7 4.46 -2.09 -2.98
C SER A 7 5.90 -2.19 -3.46
N ASP A 8 6.60 -1.06 -3.43
CA ASP A 8 8.00 -1.03 -3.86
C ASP A 8 8.90 -1.72 -2.84
N SER A 9 8.92 -1.21 -1.63
CA SER A 9 9.73 -1.77 -0.55
C SER A 9 9.16 -1.43 0.81
N PHE A 10 7.87 -1.70 0.99
CA PHE A 10 7.20 -1.42 2.26
C PHE A 10 7.40 -2.57 3.24
N LYS A 11 7.75 -2.22 4.48
CA LYS A 11 7.98 -3.23 5.52
C LYS A 11 7.17 -2.89 6.76
N GLY A 12 7.30 -3.74 7.79
CA GLY A 12 6.58 -3.51 9.03
C GLY A 12 5.08 -3.67 8.86
N PRO A 13 4.37 -3.89 9.98
CA PRO A 13 2.92 -4.06 9.97
C PRO A 13 2.19 -2.75 9.65
N CYS A 14 0.87 -2.76 9.82
CA CYS A 14 0.05 -1.58 9.56
C CYS A 14 -0.49 -1.00 10.86
N ILE A 15 -1.29 0.06 10.73
CA ILE A 15 -1.88 0.71 11.89
C ILE A 15 -3.34 1.08 11.64
N PRO A 16 -4.07 1.36 12.71
CA PRO A 16 -5.49 1.73 12.64
C PRO A 16 -5.69 3.10 12.03
N ASP A 17 -4.60 3.79 11.74
CA ASP A 17 -4.66 5.12 11.13
C ASP A 17 -4.47 5.05 9.63
N GLY A 18 -3.75 4.04 9.17
CA GLY A 18 -3.51 3.87 7.75
C GLY A 18 -2.18 4.44 7.31
N ASN A 19 -1.14 3.62 7.41
CA ASN A 19 0.21 4.05 7.01
C ASN A 19 0.52 3.61 5.59
N CYS A 20 -0.06 2.49 5.18
CA CYS A 20 0.17 1.97 3.83
C CYS A 20 -0.38 2.93 2.78
N ASN A 21 -1.28 3.80 3.20
CA ASN A 21 -1.88 4.78 2.30
C ASN A 21 -0.89 5.88 1.95
N LYS A 22 -0.44 6.62 2.96
CA LYS A 22 0.50 7.70 2.77
C LYS A 22 1.74 7.22 2.01
N HIS A 23 2.13 5.98 2.27
CA HIS A 23 3.29 5.39 1.61
C HIS A 23 3.06 5.25 0.11
N CYS A 24 2.09 4.41 -0.25
CA CYS A 24 1.76 4.18 -1.65
C CYS A 24 1.29 5.46 -2.32
N LYS A 25 0.91 6.45 -1.50
CA LYS A 25 0.45 7.73 -2.01
C LYS A 25 1.62 8.70 -2.16
N GLU A 26 2.68 8.48 -1.40
CA GLU A 26 3.85 9.34 -1.46
C GLU A 26 4.91 8.76 -2.40
N LYS A 27 4.78 7.47 -2.69
CA LYS A 27 5.72 6.80 -3.58
C LYS A 27 5.12 6.62 -4.98
N GLU A 28 4.20 5.66 -5.10
CA GLU A 28 3.55 5.40 -6.38
C GLU A 28 2.35 6.33 -6.58
N HIS A 29 2.03 7.11 -5.56
CA HIS A 29 0.91 8.04 -5.62
C HIS A 29 -0.36 7.33 -6.09
N LEU A 30 -0.64 6.18 -5.50
CA LEU A 30 -1.82 5.40 -5.84
C LEU A 30 -3.02 5.80 -4.99
N LEU A 31 -4.08 5.01 -5.07
CA LEU A 31 -5.30 5.29 -4.30
C LEU A 31 -5.07 4.99 -2.82
N SER A 32 -4.64 3.78 -2.52
CA SER A 32 -4.38 3.36 -1.15
C SER A 32 -3.54 2.10 -1.10
N GLY A 33 -3.37 1.54 0.09
CA GLY A 33 -2.59 0.33 0.26
C GLY A 33 -2.98 -0.46 1.48
N ARG A 34 -2.58 -1.72 1.52
CA ARG A 34 -2.90 -2.59 2.65
C ARG A 34 -1.77 -3.58 2.92
N CYS A 35 -1.38 -3.69 4.18
CA CYS A 35 -0.30 -4.60 4.57
C CYS A 35 -0.84 -5.99 4.87
N ARG A 36 0.03 -6.99 4.86
CA ARG A 36 -0.36 -8.36 5.14
C ARG A 36 0.64 -9.03 6.08
N ASP A 37 0.42 -10.32 6.35
CA ASP A 37 1.30 -11.07 7.24
C ASP A 37 2.57 -11.48 6.52
N ASP A 38 2.61 -11.27 5.21
CA ASP A 38 3.77 -11.61 4.40
C ASP A 38 4.74 -10.44 4.32
N PHE A 39 4.58 -9.48 5.23
CA PHE A 39 5.45 -8.30 5.26
C PHE A 39 5.36 -7.54 3.94
N ARG A 40 4.30 -7.78 3.19
CA ARG A 40 4.10 -7.12 1.90
C ARG A 40 2.83 -6.27 1.91
N CYS A 41 2.92 -5.08 1.33
CA CYS A 41 1.77 -4.17 1.27
C CYS A 41 1.29 -4.00 -0.16
N TRP A 42 0.01 -4.30 -0.39
CA TRP A 42 -0.58 -4.18 -1.72
C TRP A 42 -1.21 -2.81 -1.91
N CYS A 43 -0.80 -2.12 -2.97
CA CYS A 43 -1.33 -0.79 -3.26
C CYS A 43 -2.40 -0.85 -4.36
N THR A 44 -3.49 -0.12 -4.16
CA THR A 44 -4.58 -0.10 -5.13
C THR A 44 -4.51 1.14 -6.01
N ARG A 45 -4.60 0.94 -7.32
CA ARG A 45 -4.55 2.04 -8.27
C ARG A 45 -5.61 1.88 -9.35
N ASN A 46 -5.80 2.94 -10.14
CA ASN A 46 -6.80 2.91 -11.21
C ASN A 46 -6.29 2.10 -12.40
N CYS A 47 -7.16 1.27 -12.96
CA CYS A 47 -6.81 0.44 -14.10
C CYS A 47 -8.06 0.01 -14.87
N LYS A 1 -12.75 1.35 -11.97
CA LYS A 1 -12.12 0.09 -11.55
C LYS A 1 -10.76 0.37 -10.90
N THR A 2 -10.27 -0.60 -10.14
CA THR A 2 -8.99 -0.46 -9.47
C THR A 2 -8.26 -1.80 -9.40
N CYS A 3 -6.93 -1.75 -9.40
CA CYS A 3 -6.12 -2.96 -9.34
C CYS A 3 -5.18 -2.92 -8.13
N GLU A 4 -4.71 -4.09 -7.72
CA GLU A 4 -3.80 -4.19 -6.59
C GLU A 4 -2.46 -4.80 -7.00
N ASN A 5 -1.38 -4.21 -6.51
CA ASN A 5 -0.03 -4.70 -6.83
C ASN A 5 0.91 -4.55 -5.64
N LEU A 6 1.93 -5.39 -5.59
CA LEU A 6 2.90 -5.35 -4.51
C LEU A 6 3.70 -4.05 -4.54
N SER A 7 3.86 -3.42 -3.38
CA SER A 7 4.61 -2.16 -3.29
C SER A 7 6.07 -2.38 -3.67
N ASP A 8 6.86 -1.32 -3.57
CA ASP A 8 8.28 -1.38 -3.91
C ASP A 8 9.07 -2.11 -2.83
N SER A 9 9.10 -1.52 -1.64
CA SER A 9 9.83 -2.11 -0.52
C SER A 9 9.29 -1.58 0.81
N PHE A 10 7.99 -1.75 1.02
CA PHE A 10 7.35 -1.29 2.24
C PHE A 10 7.48 -2.34 3.35
N LYS A 11 8.05 -1.94 4.48
CA LYS A 11 8.24 -2.84 5.60
C LYS A 11 7.68 -2.23 6.89
N GLY A 12 7.80 -2.96 8.00
CA GLY A 12 7.32 -2.47 9.27
C GLY A 12 5.81 -2.64 9.41
N PRO A 13 5.30 -2.46 10.65
CA PRO A 13 3.87 -2.58 10.93
C PRO A 13 3.06 -1.45 10.33
N CYS A 14 1.74 -1.51 10.51
CA CYS A 14 0.85 -0.48 9.99
C CYS A 14 -0.17 -0.06 11.04
N ILE A 15 -0.78 1.11 10.83
CA ILE A 15 -1.77 1.63 11.76
C ILE A 15 -3.14 1.73 11.10
N PRO A 16 -4.19 1.77 11.94
CA PRO A 16 -5.57 1.87 11.46
C PRO A 16 -5.88 3.24 10.86
N ASP A 17 -4.94 4.16 10.99
CA ASP A 17 -5.10 5.51 10.47
C ASP A 17 -4.46 5.63 9.09
N GLY A 18 -3.67 4.64 8.72
CA GLY A 18 -3.01 4.66 7.42
C GLY A 18 -2.05 3.49 7.26
N ASN A 19 -2.54 2.40 6.67
CA ASN A 19 -1.72 1.22 6.44
C ASN A 19 -1.11 1.24 5.04
N CYS A 20 0.13 1.70 4.96
CA CYS A 20 0.84 1.77 3.68
C CYS A 20 0.15 2.75 2.74
N ASN A 21 -0.69 3.62 3.30
CA ASN A 21 -1.42 4.61 2.50
C ASN A 21 -0.51 5.77 2.12
N LYS A 22 -0.11 6.56 3.12
CA LYS A 22 0.76 7.70 2.89
C LYS A 22 1.99 7.30 2.09
N HIS A 23 2.46 6.07 2.31
CA HIS A 23 3.63 5.56 1.60
C HIS A 23 3.34 5.43 0.10
N CYS A 24 2.42 4.55 -0.24
CA CYS A 24 2.06 4.33 -1.64
C CYS A 24 1.52 5.61 -2.27
N LYS A 25 1.11 6.55 -1.42
CA LYS A 25 0.57 7.81 -1.90
C LYS A 25 1.68 8.85 -2.06
N GLU A 26 2.78 8.66 -1.34
CA GLU A 26 3.91 9.57 -1.40
C GLU A 26 4.96 9.06 -2.38
N LYS A 27 4.89 7.78 -2.70
CA LYS A 27 5.84 7.16 -3.62
C LYS A 27 5.20 6.97 -5.00
N GLU A 28 4.30 6.00 -5.11
CA GLU A 28 3.63 5.72 -6.38
C GLU A 28 2.42 6.63 -6.56
N HIS A 29 2.08 7.36 -5.51
CA HIS A 29 0.95 8.28 -5.55
C HIS A 29 -0.32 7.57 -6.01
N LEU A 30 -0.56 6.40 -5.43
CA LEU A 30 -1.74 5.61 -5.78
C LEU A 30 -2.93 5.99 -4.91
N LEU A 31 -4.01 5.23 -5.03
CA LEU A 31 -5.22 5.48 -4.25
C LEU A 31 -4.98 5.18 -2.77
N SER A 32 -4.52 3.97 -2.48
CA SER A 32 -4.25 3.56 -1.11
C SER A 32 -3.39 2.29 -1.08
N GLY A 33 -3.29 1.70 0.10
CA GLY A 33 -2.50 0.49 0.25
C GLY A 33 -2.83 -0.29 1.50
N ARG A 34 -2.27 -1.48 1.64
CA ARG A 34 -2.52 -2.33 2.80
C ARG A 34 -1.28 -3.12 3.18
N CYS A 35 -1.36 -3.85 4.29
CA CYS A 35 -0.24 -4.67 4.76
C CYS A 35 -0.72 -6.04 5.20
N ARG A 36 -0.03 -7.08 4.74
CA ARG A 36 -0.39 -8.45 5.10
C ARG A 36 0.62 -9.02 6.09
N ASP A 37 0.47 -10.31 6.40
CA ASP A 37 1.36 -10.99 7.32
C ASP A 37 2.67 -11.35 6.65
N ASP A 38 2.66 -11.41 5.32
CA ASP A 38 3.86 -11.75 4.56
C ASP A 38 4.79 -10.55 4.47
N PHE A 39 4.53 -9.52 5.27
CA PHE A 39 5.35 -8.31 5.28
C PHE A 39 5.30 -7.62 3.93
N ARG A 40 4.31 -7.98 3.12
CA ARG A 40 4.15 -7.39 1.79
C ARG A 40 2.99 -6.39 1.77
N CYS A 41 3.21 -5.25 1.12
CA CYS A 41 2.18 -4.22 1.04
C CYS A 41 1.57 -4.19 -0.36
N TRP A 42 0.25 -4.05 -0.41
CA TRP A 42 -0.46 -4.00 -1.68
C TRP A 42 -1.11 -2.65 -1.89
N CYS A 43 -0.66 -1.92 -2.91
CA CYS A 43 -1.20 -0.61 -3.21
C CYS A 43 -2.31 -0.70 -4.27
N THR A 44 -3.38 0.06 -4.06
CA THR A 44 -4.51 0.07 -4.99
C THR A 44 -4.46 1.28 -5.91
N ARG A 45 -4.65 1.04 -7.21
CA ARG A 45 -4.62 2.12 -8.19
C ARG A 45 -5.75 1.95 -9.20
N ASN A 46 -6.00 2.99 -9.99
CA ASN A 46 -7.05 2.97 -10.99
C ASN A 46 -6.63 2.12 -12.19
N CYS A 47 -7.55 1.29 -12.66
CA CYS A 47 -7.29 0.42 -13.80
C CYS A 47 -8.59 -0.02 -14.48
N LYS A 1 -12.28 1.31 -12.48
CA LYS A 1 -11.65 0.06 -12.09
C LYS A 1 -10.36 0.31 -11.32
N THR A 2 -9.90 -0.71 -10.59
CA THR A 2 -8.68 -0.59 -9.80
C THR A 2 -7.93 -1.92 -9.77
N CYS A 3 -6.61 -1.84 -9.67
CA CYS A 3 -5.76 -3.03 -9.63
C CYS A 3 -4.92 -3.05 -8.36
N GLU A 4 -4.44 -4.24 -8.00
CA GLU A 4 -3.62 -4.40 -6.80
C GLU A 4 -2.25 -4.96 -7.16
N ASN A 5 -1.21 -4.33 -6.62
CA ASN A 5 0.17 -4.75 -6.89
C ASN A 5 1.02 -4.64 -5.63
N LEU A 6 2.04 -5.48 -5.53
CA LEU A 6 2.94 -5.47 -4.38
C LEU A 6 3.75 -4.18 -4.33
N SER A 7 3.81 -3.57 -3.15
CA SER A 7 4.55 -2.33 -2.97
C SER A 7 6.00 -2.49 -3.40
N ASP A 8 6.77 -1.41 -3.31
CA ASP A 8 8.17 -1.43 -3.69
C ASP A 8 9.01 -2.16 -2.63
N SER A 9 9.02 -1.62 -1.42
CA SER A 9 9.77 -2.21 -0.33
C SER A 9 9.20 -1.80 1.03
N PHE A 10 7.87 -1.79 1.11
CA PHE A 10 7.19 -1.42 2.34
C PHE A 10 7.09 -2.60 3.30
N LYS A 11 7.73 -2.49 4.45
CA LYS A 11 7.72 -3.55 5.45
C LYS A 11 7.33 -3.00 6.82
N GLY A 12 6.52 -1.94 6.83
CA GLY A 12 6.08 -1.35 8.07
C GLY A 12 4.72 -1.86 8.51
N PRO A 13 4.47 -1.82 9.83
CA PRO A 13 3.20 -2.28 10.41
C PRO A 13 2.04 -1.36 10.07
N CYS A 14 0.84 -1.92 10.00
CA CYS A 14 -0.36 -1.15 9.68
C CYS A 14 -0.89 -0.44 10.93
N ILE A 15 -1.90 0.40 10.73
CA ILE A 15 -2.51 1.13 11.84
C ILE A 15 -3.91 1.62 11.46
N PRO A 16 -4.70 1.96 12.49
CA PRO A 16 -6.07 2.46 12.29
C PRO A 16 -6.10 3.85 11.67
N ASP A 17 -4.93 4.46 11.55
CA ASP A 17 -4.83 5.80 10.97
C ASP A 17 -4.28 5.73 9.55
N GLY A 18 -3.55 4.66 9.24
CA GLY A 18 -2.99 4.50 7.92
C GLY A 18 -1.49 4.75 7.89
N ASN A 19 -0.72 3.70 7.64
CA ASN A 19 0.73 3.81 7.58
C ASN A 19 1.26 3.41 6.20
N CYS A 20 0.60 2.44 5.58
CA CYS A 20 1.00 1.96 4.26
C CYS A 20 0.29 2.75 3.17
N ASN A 21 -0.79 3.44 3.53
CA ASN A 21 -1.55 4.23 2.58
C ASN A 21 -0.80 5.49 2.18
N LYS A 22 -0.29 6.20 3.20
CA LYS A 22 0.46 7.44 2.95
C LYS A 22 1.72 7.16 2.16
N HIS A 23 2.29 5.97 2.34
CA HIS A 23 3.51 5.57 1.65
C HIS A 23 3.25 5.45 0.15
N CYS A 24 2.36 4.54 -0.22
CA CYS A 24 2.03 4.32 -1.63
C CYS A 24 1.38 5.56 -2.23
N LYS A 25 0.90 6.45 -1.37
CA LYS A 25 0.26 7.68 -1.82
C LYS A 25 1.27 8.81 -1.96
N GLU A 26 2.39 8.69 -1.23
CA GLU A 26 3.44 9.70 -1.27
C GLU A 26 4.53 9.31 -2.26
N LYS A 27 4.57 8.03 -2.61
CA LYS A 27 5.57 7.52 -3.55
C LYS A 27 4.94 7.25 -4.92
N GLU A 28 4.13 6.20 -4.99
CA GLU A 28 3.46 5.83 -6.24
C GLU A 28 2.20 6.66 -6.44
N HIS A 29 1.84 7.44 -5.43
CA HIS A 29 0.64 8.26 -5.49
C HIS A 29 -0.57 7.45 -5.92
N LEU A 30 -0.75 6.29 -5.30
CA LEU A 30 -1.86 5.41 -5.63
C LEU A 30 -3.08 5.74 -4.77
N LEU A 31 -4.07 4.86 -4.78
CA LEU A 31 -5.29 5.06 -4.00
C LEU A 31 -5.06 4.71 -2.53
N SER A 32 -4.53 3.52 -2.28
CA SER A 32 -4.28 3.08 -0.92
C SER A 32 -3.32 1.88 -0.91
N GLY A 33 -2.98 1.40 0.27
CA GLY A 33 -2.08 0.27 0.39
C GLY A 33 -2.33 -0.54 1.65
N ARG A 34 -2.72 -1.80 1.49
CA ARG A 34 -3.00 -2.67 2.62
C ARG A 34 -1.80 -3.59 2.89
N CYS A 35 -1.48 -3.76 4.17
CA CYS A 35 -0.37 -4.59 4.58
C CYS A 35 -0.80 -6.06 4.69
N ARG A 36 0.18 -6.96 4.73
CA ARG A 36 -0.11 -8.39 4.84
C ARG A 36 0.80 -9.05 5.87
N ASP A 37 0.45 -10.26 6.27
CA ASP A 37 1.23 -11.00 7.26
C ASP A 37 2.49 -11.57 6.62
N ASP A 38 2.56 -11.54 5.29
CA ASP A 38 3.70 -12.06 4.57
C ASP A 38 4.74 -10.97 4.33
N PHE A 39 4.76 -9.98 5.22
CA PHE A 39 5.70 -8.87 5.10
C PHE A 39 5.57 -8.20 3.73
N ARG A 40 4.36 -8.17 3.20
CA ARG A 40 4.11 -7.55 1.90
C ARG A 40 2.88 -6.65 1.95
N CYS A 41 2.97 -5.49 1.29
CA CYS A 41 1.87 -4.54 1.26
C CYS A 41 1.37 -4.33 -0.17
N TRP A 42 0.08 -4.56 -0.37
CA TRP A 42 -0.52 -4.40 -1.70
C TRP A 42 -1.12 -3.01 -1.85
N CYS A 43 -0.75 -2.33 -2.93
CA CYS A 43 -1.26 -0.98 -3.20
C CYS A 43 -2.32 -1.02 -4.29
N THR A 44 -3.40 -0.27 -4.08
CA THR A 44 -4.49 -0.20 -5.03
C THR A 44 -4.40 1.06 -5.89
N ARG A 45 -4.51 0.89 -7.19
CA ARG A 45 -4.44 2.02 -8.12
C ARG A 45 -5.49 1.89 -9.22
N ASN A 46 -5.76 3.00 -9.90
CA ASN A 46 -6.75 3.00 -10.98
C ASN A 46 -6.24 2.23 -12.19
N CYS A 47 -7.11 1.41 -12.77
CA CYS A 47 -6.75 0.61 -13.94
C CYS A 47 -8.00 0.18 -14.70
N LYS A 1 -12.63 0.86 -12.24
CA LYS A 1 -11.94 -0.37 -11.85
C LYS A 1 -10.63 -0.05 -11.15
N THR A 2 -10.11 -1.03 -10.40
CA THR A 2 -8.86 -0.85 -9.68
C THR A 2 -8.07 -2.16 -9.63
N CYS A 3 -6.74 -2.05 -9.58
CA CYS A 3 -5.87 -3.21 -9.54
C CYS A 3 -5.02 -3.20 -8.27
N GLU A 4 -4.49 -4.37 -7.91
CA GLU A 4 -3.67 -4.50 -6.72
C GLU A 4 -2.27 -5.01 -7.09
N ASN A 5 -1.24 -4.35 -6.55
CA ASN A 5 0.14 -4.74 -6.82
C ASN A 5 0.99 -4.58 -5.57
N LEU A 6 2.04 -5.39 -5.47
CA LEU A 6 2.94 -5.34 -4.32
C LEU A 6 3.72 -4.03 -4.30
N SER A 7 3.79 -3.42 -3.12
CA SER A 7 4.51 -2.16 -2.95
C SER A 7 5.98 -2.32 -3.32
N ASP A 8 6.74 -1.23 -3.16
CA ASP A 8 8.16 -1.25 -3.48
C ASP A 8 8.94 -2.06 -2.45
N SER A 9 8.93 -1.58 -1.21
CA SER A 9 9.64 -2.26 -0.12
C SER A 9 9.04 -1.89 1.23
N PHE A 10 7.71 -1.94 1.31
CA PHE A 10 7.02 -1.60 2.55
C PHE A 10 6.92 -2.82 3.46
N LYS A 11 7.29 -2.65 4.72
CA LYS A 11 7.24 -3.72 5.69
C LYS A 11 6.43 -3.33 6.92
N GLY A 12 6.46 -4.16 7.95
CA GLY A 12 5.72 -3.88 9.16
C GLY A 12 4.22 -3.87 8.94
N PRO A 13 3.45 -4.03 10.03
CA PRO A 13 2.00 -4.04 9.97
C PRO A 13 1.41 -2.67 9.63
N CYS A 14 0.10 -2.54 9.79
CA CYS A 14 -0.58 -1.28 9.50
C CYS A 14 -1.08 -0.62 10.79
N ILE A 15 -1.73 0.52 10.64
CA ILE A 15 -2.26 1.25 11.79
C ILE A 15 -3.58 1.92 11.44
N PRO A 16 -4.35 2.26 12.49
CA PRO A 16 -5.66 2.93 12.33
C PRO A 16 -5.53 4.36 11.83
N ASP A 17 -4.29 4.85 11.76
CA ASP A 17 -4.03 6.20 11.30
C ASP A 17 -3.60 6.20 9.84
N GLY A 18 -3.12 5.07 9.36
CA GLY A 18 -2.68 4.96 7.99
C GLY A 18 -1.19 5.17 7.83
N ASN A 19 -0.44 4.09 7.71
CA ASN A 19 1.02 4.17 7.57
C ASN A 19 1.43 3.73 6.16
N CYS A 20 0.70 2.79 5.60
CA CYS A 20 1.00 2.28 4.26
C CYS A 20 0.23 3.06 3.20
N ASN A 21 -0.78 3.83 3.64
CA ASN A 21 -1.59 4.62 2.73
C ASN A 21 -0.81 5.82 2.22
N LYS A 22 -0.15 6.53 3.13
CA LYS A 22 0.63 7.71 2.77
C LYS A 22 1.85 7.32 1.94
N HIS A 23 2.35 6.11 2.18
CA HIS A 23 3.52 5.61 1.46
C HIS A 23 3.21 5.42 -0.02
N CYS A 24 2.27 4.54 -0.31
CA CYS A 24 1.87 4.25 -1.69
C CYS A 24 1.31 5.51 -2.35
N LYS A 25 0.86 6.46 -1.54
CA LYS A 25 0.30 7.70 -2.04
C LYS A 25 1.39 8.75 -2.25
N GLU A 26 2.50 8.59 -1.54
CA GLU A 26 3.62 9.52 -1.66
C GLU A 26 4.65 9.01 -2.66
N LYS A 27 4.60 7.71 -2.94
CA LYS A 27 5.52 7.10 -3.88
C LYS A 27 4.87 6.87 -5.24
N GLU A 28 4.00 5.87 -5.32
CA GLU A 28 3.31 5.55 -6.56
C GLU A 28 2.05 6.42 -6.72
N HIS A 29 1.75 7.20 -5.67
CA HIS A 29 0.57 8.06 -5.69
C HIS A 29 -0.68 7.29 -6.09
N LEU A 30 -0.87 6.13 -5.48
CA LEU A 30 -2.02 5.29 -5.76
C LEU A 30 -3.19 5.65 -4.86
N LEU A 31 -4.23 4.81 -4.87
CA LEU A 31 -5.41 5.04 -4.05
C LEU A 31 -5.11 4.73 -2.58
N SER A 32 -4.60 3.53 -2.32
CA SER A 32 -4.28 3.12 -0.96
C SER A 32 -3.35 1.91 -0.97
N GLY A 33 -3.03 1.41 0.23
CA GLY A 33 -2.16 0.26 0.34
C GLY A 33 -2.37 -0.51 1.62
N ARG A 34 -2.76 -1.78 1.50
CA ARG A 34 -3.00 -2.63 2.66
C ARG A 34 -1.78 -3.50 2.95
N CYS A 35 -1.45 -3.63 4.23
CA CYS A 35 -0.31 -4.44 4.66
C CYS A 35 -0.68 -5.91 4.74
N ARG A 36 0.31 -6.77 4.85
CA ARG A 36 0.09 -8.21 4.94
C ARG A 36 1.00 -8.84 5.99
N ASP A 37 0.77 -10.11 6.28
CA ASP A 37 1.58 -10.83 7.26
C ASP A 37 2.91 -11.25 6.67
N ASP A 38 2.98 -11.33 5.35
CA ASP A 38 4.21 -11.71 4.66
C ASP A 38 5.10 -10.50 4.42
N PHE A 39 5.04 -9.53 5.33
CA PHE A 39 5.84 -8.31 5.22
C PHE A 39 5.70 -7.70 3.82
N ARG A 40 4.47 -7.65 3.33
CA ARG A 40 4.20 -7.09 2.01
C ARG A 40 2.95 -6.23 2.03
N CYS A 41 2.99 -5.09 1.33
CA CYS A 41 1.85 -4.19 1.26
C CYS A 41 1.34 -4.06 -0.16
N TRP A 42 0.06 -4.38 -0.36
CA TRP A 42 -0.55 -4.29 -1.68
C TRP A 42 -1.21 -2.93 -1.89
N CYS A 43 -0.74 -2.20 -2.90
CA CYS A 43 -1.27 -0.89 -3.20
C CYS A 43 -2.36 -0.98 -4.28
N THR A 44 -3.46 -0.27 -4.06
CA THR A 44 -4.58 -0.28 -5.01
C THR A 44 -4.56 0.98 -5.88
N ARG A 45 -4.68 0.77 -7.19
CA ARG A 45 -4.68 1.89 -8.13
C ARG A 45 -5.76 1.70 -9.20
N ASN A 46 -6.03 2.76 -9.95
CA ASN A 46 -7.04 2.72 -11.00
C ASN A 46 -6.53 1.94 -12.21
N CYS A 47 -7.39 1.08 -12.76
CA CYS A 47 -7.03 0.27 -13.91
C CYS A 47 -8.28 -0.20 -14.65
N LYS A 1 -12.49 1.59 -12.23
CA LYS A 1 -11.86 0.33 -11.86
C LYS A 1 -10.54 0.58 -11.13
N THR A 2 -10.08 -0.43 -10.39
CA THR A 2 -8.83 -0.32 -9.64
C THR A 2 -8.11 -1.66 -9.59
N CYS A 3 -6.79 -1.61 -9.51
CA CYS A 3 -5.97 -2.82 -9.46
C CYS A 3 -5.12 -2.84 -8.20
N GLU A 4 -4.65 -4.03 -7.83
CA GLU A 4 -3.81 -4.19 -6.64
C GLU A 4 -2.45 -4.79 -7.01
N ASN A 5 -1.38 -4.18 -6.50
CA ASN A 5 -0.03 -4.66 -6.76
C ASN A 5 0.83 -4.57 -5.51
N LEU A 6 1.84 -5.42 -5.44
CA LEU A 6 2.75 -5.44 -4.30
C LEU A 6 3.57 -4.16 -4.23
N SER A 7 3.69 -3.60 -3.03
CA SER A 7 4.45 -2.37 -2.84
C SER A 7 5.91 -2.57 -3.23
N ASP A 8 6.69 -1.50 -3.12
CA ASP A 8 8.11 -1.55 -3.46
C ASP A 8 8.90 -2.33 -2.41
N SER A 9 8.94 -1.79 -1.20
CA SER A 9 9.66 -2.43 -0.11
C SER A 9 9.11 -1.98 1.24
N PHE A 10 7.80 -2.03 1.39
CA PHE A 10 7.15 -1.63 2.63
C PHE A 10 7.12 -2.78 3.63
N LYS A 11 8.07 -2.77 4.55
CA LYS A 11 8.17 -3.81 5.57
C LYS A 11 8.28 -3.20 6.97
N GLY A 12 7.78 -1.98 7.11
CA GLY A 12 7.83 -1.31 8.40
C GLY A 12 6.54 -1.47 9.19
N PRO A 13 6.60 -1.16 10.50
CA PRO A 13 5.45 -1.26 11.39
C PRO A 13 4.38 -0.22 11.09
N CYS A 14 3.21 -0.68 10.68
CA CYS A 14 2.11 0.22 10.36
C CYS A 14 0.94 0.00 11.31
N ILE A 15 -0.15 0.72 11.07
CA ILE A 15 -1.34 0.61 11.91
C ILE A 15 -2.54 0.16 11.09
N PRO A 16 -3.58 -0.31 11.80
CA PRO A 16 -4.82 -0.80 11.16
C PRO A 16 -5.63 0.34 10.54
N ASP A 17 -5.15 1.56 10.71
CA ASP A 17 -5.83 2.74 10.17
C ASP A 17 -5.40 2.99 8.72
N GLY A 18 -4.25 2.44 8.34
CA GLY A 18 -3.76 2.61 7.00
C GLY A 18 -2.53 3.50 6.94
N ASN A 19 -1.37 2.93 7.26
CA ASN A 19 -0.12 3.68 7.26
C ASN A 19 0.61 3.51 5.93
N CYS A 20 0.43 2.34 5.31
CA CYS A 20 1.07 2.04 4.03
C CYS A 20 0.41 2.81 2.90
N ASN A 21 -0.70 3.47 3.21
CA ASN A 21 -1.45 4.24 2.21
C ASN A 21 -0.67 5.50 1.82
N LYS A 22 -0.29 6.28 2.82
CA LYS A 22 0.46 7.52 2.58
C LYS A 22 1.76 7.23 1.83
N HIS A 23 2.31 6.04 2.06
CA HIS A 23 3.55 5.64 1.40
C HIS A 23 3.36 5.52 -0.11
N CYS A 24 2.52 4.57 -0.51
CA CYS A 24 2.24 4.35 -1.93
C CYS A 24 1.55 5.56 -2.54
N LYS A 25 1.01 6.42 -1.69
CA LYS A 25 0.32 7.63 -2.15
C LYS A 25 1.30 8.78 -2.31
N GLU A 26 2.41 8.72 -1.57
CA GLU A 26 3.42 9.77 -1.63
C GLU A 26 4.55 9.39 -2.57
N LYS A 27 4.66 8.10 -2.86
CA LYS A 27 5.70 7.59 -3.75
C LYS A 27 5.11 7.20 -5.10
N GLU A 28 4.27 6.16 -5.11
CA GLU A 28 3.65 5.69 -6.33
C GLU A 28 2.42 6.54 -6.68
N HIS A 29 2.07 7.45 -5.78
CA HIS A 29 0.92 8.32 -5.99
C HIS A 29 -0.31 7.51 -6.35
N LEU A 30 -0.54 6.42 -5.63
CA LEU A 30 -1.68 5.56 -5.89
C LEU A 30 -2.90 6.02 -5.09
N LEU A 31 -3.92 5.18 -5.02
CA LEU A 31 -5.14 5.50 -4.29
C LEU A 31 -4.96 5.26 -2.80
N SER A 32 -4.53 4.06 -2.45
CA SER A 32 -4.31 3.71 -1.05
C SER A 32 -3.50 2.42 -0.93
N GLY A 33 -3.11 2.08 0.29
CA GLY A 33 -2.34 0.88 0.52
C GLY A 33 -2.75 0.14 1.78
N ARG A 34 -2.34 -1.12 1.90
CA ARG A 34 -2.68 -1.92 3.06
C ARG A 34 -1.55 -2.90 3.39
N CYS A 35 -1.32 -3.11 4.68
CA CYS A 35 -0.27 -4.01 5.13
C CYS A 35 -0.83 -5.41 5.39
N ARG A 36 -0.15 -6.43 4.88
CA ARG A 36 -0.58 -7.80 5.05
C ARG A 36 0.31 -8.53 6.07
N ASP A 37 -0.13 -9.70 6.50
CA ASP A 37 0.62 -10.48 7.48
C ASP A 37 1.76 -11.23 6.80
N ASP A 38 1.78 -11.20 5.47
CA ASP A 38 2.81 -11.87 4.70
C ASP A 38 4.01 -10.95 4.47
N PHE A 39 4.12 -9.92 5.30
CA PHE A 39 5.21 -8.96 5.18
C PHE A 39 5.17 -8.24 3.84
N ARG A 40 3.98 -8.18 3.25
CA ARG A 40 3.79 -7.52 1.96
C ARG A 40 2.62 -6.54 2.01
N CYS A 41 2.82 -5.38 1.40
CA CYS A 41 1.77 -4.35 1.38
C CYS A 41 1.25 -4.14 -0.04
N TRP A 42 -0.05 -4.35 -0.23
CA TRP A 42 -0.67 -4.18 -1.54
C TRP A 42 -1.25 -2.78 -1.69
N CYS A 43 -0.90 -2.12 -2.78
CA CYS A 43 -1.39 -0.77 -3.04
C CYS A 43 -2.44 -0.77 -4.15
N THR A 44 -3.52 -0.03 -3.93
CA THR A 44 -4.60 0.04 -4.91
C THR A 44 -4.44 1.27 -5.81
N ARG A 45 -4.59 1.07 -7.11
CA ARG A 45 -4.46 2.16 -8.07
C ARG A 45 -5.54 2.06 -9.15
N ASN A 46 -5.71 3.14 -9.90
CA ASN A 46 -6.71 3.18 -10.96
C ASN A 46 -6.27 2.35 -12.16
N CYS A 47 -7.19 1.56 -12.71
CA CYS A 47 -6.89 0.72 -13.86
C CYS A 47 -8.18 0.33 -14.58
N LYS A 1 -12.61 1.18 -12.06
CA LYS A 1 -11.93 -0.07 -11.71
C LYS A 1 -10.60 0.21 -11.03
N THR A 2 -10.08 -0.78 -10.31
CA THR A 2 -8.82 -0.64 -9.62
C THR A 2 -8.04 -1.95 -9.61
N CYS A 3 -6.72 -1.86 -9.58
CA CYS A 3 -5.86 -3.04 -9.58
C CYS A 3 -4.99 -3.08 -8.32
N GLU A 4 -4.50 -4.26 -7.99
CA GLU A 4 -3.65 -4.43 -6.81
C GLU A 4 -2.26 -4.92 -7.20
N ASN A 5 -1.23 -4.29 -6.66
CA ASN A 5 0.15 -4.66 -6.95
C ASN A 5 1.01 -4.57 -5.70
N LEU A 6 2.07 -5.38 -5.66
CA LEU A 6 2.98 -5.39 -4.52
C LEU A 6 3.74 -4.07 -4.41
N SER A 7 3.86 -3.55 -3.18
CA SER A 7 4.56 -2.30 -2.95
C SER A 7 6.04 -2.43 -3.30
N ASP A 8 6.77 -1.33 -3.15
CA ASP A 8 8.20 -1.32 -3.45
C ASP A 8 8.99 -2.07 -2.38
N SER A 9 8.96 -1.54 -1.16
CA SER A 9 9.67 -2.16 -0.05
C SER A 9 9.06 -1.74 1.29
N PHE A 10 7.74 -1.79 1.38
CA PHE A 10 7.04 -1.42 2.59
C PHE A 10 6.96 -2.60 3.56
N LYS A 11 7.60 -2.45 4.72
CA LYS A 11 7.60 -3.50 5.73
C LYS A 11 7.18 -2.95 7.08
N GLY A 12 6.38 -1.90 7.06
CA GLY A 12 5.91 -1.29 8.29
C GLY A 12 4.54 -1.80 8.72
N PRO A 13 4.22 -1.64 10.01
CA PRO A 13 2.94 -2.08 10.57
C PRO A 13 1.76 -1.25 10.06
N CYS A 14 0.60 -1.87 9.96
CA CYS A 14 -0.60 -1.18 9.49
C CYS A 14 -1.38 -0.60 10.65
N ILE A 15 -2.13 0.47 10.38
CA ILE A 15 -2.92 1.13 11.41
C ILE A 15 -3.97 2.04 10.79
N PRO A 16 -4.97 2.43 11.59
CA PRO A 16 -6.05 3.31 11.15
C PRO A 16 -5.58 4.73 10.89
N ASP A 17 -4.31 4.99 11.18
CA ASP A 17 -3.73 6.31 10.97
C ASP A 17 -3.31 6.50 9.51
N GLY A 18 -2.88 5.40 8.88
CA GLY A 18 -2.46 5.47 7.49
C GLY A 18 -0.95 5.43 7.35
N ASN A 19 -0.38 4.24 7.48
CA ASN A 19 1.06 4.06 7.37
C ASN A 19 1.44 3.56 5.98
N CYS A 20 0.63 2.65 5.45
CA CYS A 20 0.88 2.08 4.12
C CYS A 20 0.22 2.92 3.04
N ASN A 21 -0.75 3.74 3.45
CA ASN A 21 -1.47 4.60 2.51
C ASN A 21 -0.60 5.78 2.08
N LYS A 22 -0.18 6.59 3.05
CA LYS A 22 0.65 7.75 2.77
C LYS A 22 1.89 7.35 1.98
N HIS A 23 2.42 6.17 2.27
CA HIS A 23 3.60 5.67 1.58
C HIS A 23 3.34 5.49 0.09
N CYS A 24 2.41 4.60 -0.24
CA CYS A 24 2.06 4.34 -1.63
C CYS A 24 1.43 5.58 -2.27
N LYS A 25 1.02 6.53 -1.44
CA LYS A 25 0.41 7.75 -1.93
C LYS A 25 1.47 8.83 -2.19
N GLU A 26 2.59 8.71 -1.49
CA GLU A 26 3.68 9.68 -1.64
C GLU A 26 4.73 9.16 -2.63
N LYS A 27 4.71 7.85 -2.87
CA LYS A 27 5.66 7.22 -3.79
C LYS A 27 5.00 6.95 -5.14
N GLU A 28 4.14 5.94 -5.18
CA GLU A 28 3.45 5.57 -6.41
C GLU A 28 2.20 6.43 -6.61
N HIS A 29 1.86 7.21 -5.59
CA HIS A 29 0.69 8.08 -5.65
C HIS A 29 -0.55 7.29 -6.02
N LEU A 30 -0.75 6.15 -5.36
CA LEU A 30 -1.90 5.30 -5.62
C LEU A 30 -3.07 5.66 -4.70
N LEU A 31 -4.09 4.81 -4.68
CA LEU A 31 -5.25 5.03 -3.84
C LEU A 31 -4.96 4.69 -2.38
N SER A 32 -4.47 3.47 -2.16
CA SER A 32 -4.14 3.01 -0.81
C SER A 32 -3.25 1.78 -0.86
N GLY A 33 -2.99 1.20 0.31
CA GLY A 33 -2.15 0.02 0.37
C GLY A 33 -2.39 -0.79 1.64
N ARG A 34 -2.76 -2.06 1.46
CA ARG A 34 -3.02 -2.94 2.59
C ARG A 34 -1.82 -3.83 2.89
N CYS A 35 -1.56 -4.08 4.16
CA CYS A 35 -0.44 -4.91 4.57
C CYS A 35 -0.92 -6.31 4.95
N ARG A 36 -0.22 -7.32 4.44
CA ARG A 36 -0.57 -8.71 4.72
C ARG A 36 0.42 -9.34 5.71
N ASP A 37 0.22 -10.61 6.01
CA ASP A 37 1.09 -11.32 6.93
C ASP A 37 2.39 -11.76 6.24
N ASP A 38 2.43 -11.58 4.93
CA ASP A 38 3.61 -11.96 4.15
C ASP A 38 4.62 -10.82 4.12
N PHE A 39 4.46 -9.87 5.03
CA PHE A 39 5.36 -8.72 5.11
C PHE A 39 5.32 -7.91 3.81
N ARG A 40 4.27 -8.12 3.02
CA ARG A 40 4.12 -7.41 1.76
C ARG A 40 2.88 -6.53 1.77
N CYS A 41 3.00 -5.32 1.24
CA CYS A 41 1.88 -4.38 1.20
C CYS A 41 1.38 -4.21 -0.23
N TRP A 42 0.11 -4.52 -0.45
CA TRP A 42 -0.50 -4.40 -1.77
C TRP A 42 -1.16 -3.05 -1.94
N CYS A 43 -0.67 -2.26 -2.90
CA CYS A 43 -1.22 -0.94 -3.17
C CYS A 43 -2.29 -1.00 -4.25
N THR A 44 -3.39 -0.30 -4.02
CA THR A 44 -4.49 -0.27 -4.98
C THR A 44 -4.47 1.01 -5.81
N ARG A 45 -4.61 0.85 -7.12
CA ARG A 45 -4.60 2.00 -8.02
C ARG A 45 -5.70 1.86 -9.08
N ASN A 46 -5.96 2.95 -9.79
CA ASN A 46 -6.99 2.96 -10.84
C ASN A 46 -6.49 2.20 -12.07
N CYS A 47 -7.37 1.37 -12.62
CA CYS A 47 -7.04 0.58 -13.81
C CYS A 47 -8.29 0.15 -14.56
N LYS A 1 -11.62 1.69 -13.46
CA LYS A 1 -11.04 0.42 -13.05
C LYS A 1 -9.81 0.63 -12.18
N THR A 2 -9.44 -0.40 -11.41
CA THR A 2 -8.28 -0.32 -10.54
C THR A 2 -7.57 -1.67 -10.46
N CYS A 3 -6.26 -1.62 -10.23
CA CYS A 3 -5.46 -2.84 -10.12
C CYS A 3 -4.68 -2.86 -8.82
N GLU A 4 -4.26 -4.06 -8.40
CA GLU A 4 -3.51 -4.22 -7.17
C GLU A 4 -2.13 -4.82 -7.45
N ASN A 5 -1.11 -4.32 -6.74
CA ASN A 5 0.25 -4.81 -6.91
C ASN A 5 0.99 -4.83 -5.59
N LEU A 6 1.88 -5.81 -5.43
CA LEU A 6 2.65 -5.94 -4.20
C LEU A 6 3.66 -4.80 -4.07
N SER A 7 3.64 -4.13 -2.92
CA SER A 7 4.55 -3.02 -2.67
C SER A 7 5.87 -3.51 -2.09
N ASP A 8 6.96 -3.18 -2.76
CA ASP A 8 8.29 -3.60 -2.32
C ASP A 8 8.95 -2.50 -1.50
N SER A 9 8.46 -1.26 -1.64
CA SER A 9 9.01 -0.13 -0.93
C SER A 9 8.44 -0.03 0.48
N PHE A 10 7.34 -0.75 0.70
CA PHE A 10 6.68 -0.76 2.01
C PHE A 10 7.32 -1.79 2.93
N LYS A 11 7.74 -1.35 4.11
CA LYS A 11 8.36 -2.24 5.09
C LYS A 11 7.94 -1.87 6.50
N GLY A 12 8.46 -2.60 7.49
CA GLY A 12 8.12 -2.34 8.87
C GLY A 12 6.71 -2.76 9.21
N PRO A 13 6.39 -2.78 10.51
CA PRO A 13 5.06 -3.17 11.00
C PRO A 13 3.99 -2.13 10.66
N CYS A 14 2.89 -2.58 10.09
CA CYS A 14 1.79 -1.70 9.71
C CYS A 14 1.40 -0.80 10.89
N ILE A 15 0.87 0.37 10.57
CA ILE A 15 0.44 1.32 11.60
C ILE A 15 -1.02 1.72 11.41
N PRO A 16 -1.64 2.23 12.49
CA PRO A 16 -3.04 2.66 12.47
C PRO A 16 -3.24 3.91 11.64
N ASP A 17 -2.36 4.89 11.81
CA ASP A 17 -2.45 6.14 11.08
C ASP A 17 -1.98 5.97 9.64
N GLY A 18 -2.79 5.27 8.84
CA GLY A 18 -2.45 5.04 7.45
C GLY A 18 -1.73 3.72 7.25
N ASN A 19 -2.48 2.62 7.33
CA ASN A 19 -1.91 1.29 7.15
C ASN A 19 -1.00 1.25 5.93
N CYS A 20 -1.59 1.43 4.75
CA CYS A 20 -0.83 1.42 3.50
C CYS A 20 -1.34 2.49 2.54
N ASN A 21 -2.18 3.39 3.06
CA ASN A 21 -2.73 4.47 2.25
C ASN A 21 -1.72 5.61 2.11
N LYS A 22 -1.46 6.31 3.21
CA LYS A 22 -0.52 7.41 3.21
C LYS A 22 0.80 7.01 2.56
N HIS A 23 1.22 5.77 2.82
CA HIS A 23 2.47 5.26 2.26
C HIS A 23 2.39 5.19 0.74
N CYS A 24 1.50 4.34 0.24
CA CYS A 24 1.32 4.17 -1.20
C CYS A 24 0.90 5.48 -1.85
N LYS A 25 0.42 6.41 -1.04
CA LYS A 25 -0.02 7.71 -1.54
C LYS A 25 1.13 8.72 -1.53
N GLU A 26 2.11 8.47 -0.67
CA GLU A 26 3.27 9.35 -0.57
C GLU A 26 4.43 8.83 -1.42
N LYS A 27 4.36 7.55 -1.77
CA LYS A 27 5.39 6.92 -2.58
C LYS A 27 4.95 6.80 -4.04
N GLU A 28 4.07 5.84 -4.30
CA GLU A 28 3.56 5.62 -5.64
C GLU A 28 2.36 6.51 -5.94
N HIS A 29 1.94 7.27 -4.93
CA HIS A 29 0.81 8.18 -5.08
C HIS A 29 -0.39 7.44 -5.67
N LEU A 30 -0.68 6.27 -5.14
CA LEU A 30 -1.81 5.47 -5.62
C LEU A 30 -3.09 5.84 -4.89
N LEU A 31 -4.14 5.04 -5.08
CA LEU A 31 -5.43 5.28 -4.44
C LEU A 31 -5.38 4.89 -2.97
N SER A 32 -4.96 3.66 -2.70
CA SER A 32 -4.87 3.16 -1.34
C SER A 32 -4.02 1.91 -1.27
N GLY A 33 -3.99 1.27 -0.10
CA GLY A 33 -3.20 0.06 0.08
C GLY A 33 -3.55 -0.67 1.35
N ARG A 34 -3.04 -1.89 1.49
CA ARG A 34 -3.30 -2.70 2.67
C ARG A 34 -2.10 -3.57 3.01
N CYS A 35 -1.77 -3.63 4.30
CA CYS A 35 -0.63 -4.43 4.76
C CYS A 35 -1.04 -5.88 4.97
N ARG A 36 -0.05 -6.75 5.16
CA ARG A 36 -0.31 -8.17 5.37
C ARG A 36 0.59 -8.72 6.47
N ASP A 37 0.45 -10.01 6.74
CA ASP A 37 1.25 -10.67 7.78
C ASP A 37 2.60 -11.10 7.22
N ASP A 38 2.67 -11.26 5.90
CA ASP A 38 3.92 -11.68 5.25
C ASP A 38 4.73 -10.46 4.84
N PHE A 39 4.56 -9.36 5.56
CA PHE A 39 5.28 -8.13 5.27
C PHE A 39 4.95 -7.62 3.88
N ARG A 40 3.87 -8.14 3.30
CA ARG A 40 3.43 -7.73 1.97
C ARG A 40 2.33 -6.69 2.05
N CYS A 41 2.40 -5.69 1.19
CA CYS A 41 1.41 -4.63 1.17
C CYS A 41 0.90 -4.39 -0.26
N TRP A 42 -0.40 -4.63 -0.46
CA TRP A 42 -1.00 -4.44 -1.78
C TRP A 42 -1.57 -3.03 -1.92
N CYS A 43 -1.20 -2.36 -3.00
CA CYS A 43 -1.67 -1.01 -3.26
C CYS A 43 -2.61 -0.97 -4.46
N THR A 44 -3.69 -0.22 -4.33
CA THR A 44 -4.68 -0.10 -5.41
C THR A 44 -4.45 1.17 -6.22
N ARG A 45 -4.40 1.02 -7.54
CA ARG A 45 -4.19 2.14 -8.43
C ARG A 45 -5.12 2.07 -9.64
N ASN A 46 -5.29 3.19 -10.32
CA ASN A 46 -6.15 3.26 -11.49
C ASN A 46 -5.55 2.47 -12.66
N CYS A 47 -6.37 1.69 -13.34
CA CYS A 47 -5.92 0.90 -14.48
C CYS A 47 -7.09 0.53 -15.39
N LYS A 1 -12.36 1.44 -12.72
CA LYS A 1 -11.75 0.19 -12.32
C LYS A 1 -10.42 0.44 -11.59
N THR A 2 -9.98 -0.55 -10.83
CA THR A 2 -8.73 -0.44 -10.08
C THR A 2 -8.00 -1.77 -10.02
N CYS A 3 -6.68 -1.72 -9.94
CA CYS A 3 -5.86 -2.92 -9.87
C CYS A 3 -5.00 -2.93 -8.61
N GLU A 4 -4.54 -4.11 -8.23
CA GLU A 4 -3.70 -4.26 -7.03
C GLU A 4 -2.35 -4.85 -7.38
N ASN A 5 -1.29 -4.27 -6.81
CA ASN A 5 0.07 -4.75 -7.08
C ASN A 5 0.93 -4.62 -5.82
N LEU A 6 1.95 -5.46 -5.73
CA LEU A 6 2.85 -5.45 -4.58
C LEU A 6 3.66 -4.16 -4.55
N SER A 7 3.73 -3.54 -3.36
CA SER A 7 4.47 -2.30 -3.19
C SER A 7 5.95 -2.50 -3.49
N ASP A 8 6.73 -1.44 -3.34
CA ASP A 8 8.16 -1.49 -3.59
C ASP A 8 8.89 -2.15 -2.42
N SER A 9 8.86 -1.51 -1.26
CA SER A 9 9.52 -2.03 -0.08
C SER A 9 8.88 -1.47 1.19
N PHE A 10 7.57 -1.64 1.31
CA PHE A 10 6.85 -1.15 2.47
C PHE A 10 7.10 -2.04 3.69
N LYS A 11 7.73 -1.48 4.71
CA LYS A 11 8.04 -2.23 5.93
C LYS A 11 7.60 -1.44 7.16
N GLY A 12 7.84 -2.02 8.34
CA GLY A 12 7.46 -1.35 9.58
C GLY A 12 6.00 -1.54 9.92
N PRO A 13 5.60 -1.10 11.12
CA PRO A 13 4.22 -1.21 11.59
C PRO A 13 3.28 -0.28 10.84
N CYS A 14 2.26 -0.87 10.21
CA CYS A 14 1.28 -0.09 9.46
C CYS A 14 0.57 0.91 10.36
N ILE A 15 0.55 0.63 11.66
CA ILE A 15 -0.10 1.51 12.62
C ILE A 15 -1.45 1.99 12.11
N PRO A 16 -2.33 2.41 13.03
CA PRO A 16 -3.67 2.90 12.70
C PRO A 16 -3.63 4.24 11.98
N ASP A 17 -2.44 4.84 11.90
CA ASP A 17 -2.27 6.12 11.24
C ASP A 17 -2.44 5.98 9.73
N GLY A 18 -2.20 4.77 9.22
CA GLY A 18 -2.33 4.54 7.79
C GLY A 18 -1.89 3.13 7.40
N ASN A 19 -2.81 2.35 6.87
CA ASN A 19 -2.51 0.98 6.46
C ASN A 19 -1.86 0.96 5.08
N CYS A 20 -0.60 1.42 5.02
CA CYS A 20 0.14 1.46 3.77
C CYS A 20 -0.50 2.44 2.79
N ASN A 21 -1.40 3.28 3.31
CA ASN A 21 -2.08 4.27 2.48
C ASN A 21 -1.17 5.45 2.18
N LYS A 22 -0.88 6.23 3.23
CA LYS A 22 -0.01 7.40 3.08
C LYS A 22 1.28 7.03 2.37
N HIS A 23 1.75 5.81 2.59
CA HIS A 23 2.98 5.33 1.95
C HIS A 23 2.82 5.26 0.44
N CYS A 24 1.94 4.38 -0.02
CA CYS A 24 1.70 4.20 -1.45
C CYS A 24 1.16 5.49 -2.06
N LYS A 25 0.65 6.38 -1.21
CA LYS A 25 0.10 7.66 -1.67
C LYS A 25 1.19 8.73 -1.73
N GLU A 26 2.24 8.54 -0.94
CA GLU A 26 3.35 9.49 -0.89
C GLU A 26 4.49 9.04 -1.82
N LYS A 27 4.48 7.76 -2.18
CA LYS A 27 5.51 7.21 -3.04
C LYS A 27 4.99 7.04 -4.47
N GLU A 28 4.12 6.04 -4.66
CA GLU A 28 3.55 5.78 -5.98
C GLU A 28 2.34 6.68 -6.23
N HIS A 29 1.91 7.40 -5.20
CA HIS A 29 0.78 8.31 -5.31
C HIS A 29 -0.44 7.57 -5.86
N LEU A 30 -0.71 6.39 -5.33
CA LEU A 30 -1.85 5.59 -5.77
C LEU A 30 -3.10 5.93 -4.97
N LEU A 31 -4.14 5.13 -5.15
CA LEU A 31 -5.40 5.35 -4.44
C LEU A 31 -5.27 5.00 -2.97
N SER A 32 -4.81 3.77 -2.71
CA SER A 32 -4.64 3.30 -1.34
C SER A 32 -3.76 2.06 -1.30
N GLY A 33 -3.73 1.40 -0.14
CA GLY A 33 -2.93 0.20 0.01
C GLY A 33 -3.32 -0.61 1.23
N ARG A 34 -2.75 -1.80 1.36
CA ARG A 34 -3.05 -2.68 2.49
C ARG A 34 -1.81 -3.47 2.89
N CYS A 35 -1.83 -4.01 4.11
CA CYS A 35 -0.71 -4.79 4.63
C CYS A 35 -1.10 -6.26 4.75
N ARG A 36 -0.19 -7.14 4.34
CA ARG A 36 -0.43 -8.58 4.41
C ARG A 36 0.38 -9.22 5.53
N ASP A 37 0.05 -10.45 5.87
CA ASP A 37 0.76 -11.17 6.92
C ASP A 37 2.09 -11.72 6.42
N ASP A 38 2.26 -11.70 5.10
CA ASP A 38 3.49 -12.19 4.49
C ASP A 38 4.50 -11.06 4.31
N PHE A 39 4.36 -10.01 5.13
CA PHE A 39 5.26 -8.86 5.06
C PHE A 39 5.21 -8.22 3.68
N ARG A 40 4.04 -8.23 3.06
CA ARG A 40 3.86 -7.64 1.74
C ARG A 40 2.67 -6.69 1.72
N CYS A 41 2.85 -5.55 1.05
CA CYS A 41 1.79 -4.56 0.96
C CYS A 41 1.27 -4.44 -0.47
N TRP A 42 -0.04 -4.33 -0.61
CA TRP A 42 -0.67 -4.22 -1.93
C TRP A 42 -1.31 -2.85 -2.11
N CYS A 43 -0.84 -2.11 -3.11
CA CYS A 43 -1.36 -0.77 -3.39
C CYS A 43 -2.41 -0.83 -4.50
N THR A 44 -3.49 -0.08 -4.33
CA THR A 44 -4.56 -0.04 -5.32
C THR A 44 -4.46 1.20 -6.19
N ARG A 45 -4.55 1.01 -7.50
CA ARG A 45 -4.47 2.12 -8.44
C ARG A 45 -5.52 1.98 -9.54
N ASN A 46 -5.72 3.05 -10.31
CA ASN A 46 -6.69 3.05 -11.38
C ASN A 46 -6.19 2.24 -12.57
N CYS A 47 -7.08 1.43 -13.14
CA CYS A 47 -6.73 0.60 -14.29
C CYS A 47 -7.98 0.20 -15.08
N LYS A 1 -12.37 1.57 -12.59
CA LYS A 1 -11.73 0.30 -12.22
C LYS A 1 -10.44 0.55 -11.44
N THR A 2 -9.98 -0.47 -10.73
CA THR A 2 -8.76 -0.36 -9.93
C THR A 2 -8.00 -1.69 -9.92
N CYS A 3 -6.68 -1.60 -9.82
CA CYS A 3 -5.84 -2.79 -9.79
C CYS A 3 -5.05 -2.87 -8.49
N GLU A 4 -4.53 -4.05 -8.18
CA GLU A 4 -3.75 -4.26 -6.97
C GLU A 4 -2.34 -4.75 -7.29
N ASN A 5 -1.35 -4.12 -6.68
CA ASN A 5 0.04 -4.49 -6.91
C ASN A 5 0.85 -4.40 -5.62
N LEU A 6 1.88 -5.23 -5.51
CA LEU A 6 2.74 -5.24 -4.33
C LEU A 6 3.49 -3.93 -4.19
N SER A 7 3.53 -3.39 -2.98
CA SER A 7 4.22 -2.14 -2.72
C SER A 7 5.69 -2.23 -3.13
N ASP A 8 6.41 -1.12 -3.01
CA ASP A 8 7.82 -1.09 -3.36
C ASP A 8 8.67 -1.80 -2.31
N SER A 9 8.66 -1.27 -1.09
CA SER A 9 9.44 -1.86 0.00
C SER A 9 8.84 -1.48 1.35
N PHE A 10 7.56 -1.75 1.51
CA PHE A 10 6.86 -1.43 2.76
C PHE A 10 7.05 -2.55 3.79
N LYS A 11 7.86 -2.29 4.79
CA LYS A 11 8.13 -3.27 5.84
C LYS A 11 7.80 -2.70 7.22
N GLY A 12 6.74 -1.91 7.29
CA GLY A 12 6.34 -1.32 8.56
C GLY A 12 5.30 -2.14 9.28
N PRO A 13 5.08 -1.82 10.57
CA PRO A 13 4.10 -2.53 11.40
C PRO A 13 2.67 -2.26 10.97
N CYS A 14 2.50 -1.37 10.00
CA CYS A 14 1.18 -1.03 9.49
C CYS A 14 0.35 -0.36 10.59
N ILE A 15 0.82 0.79 11.06
CA ILE A 15 0.11 1.54 12.10
C ILE A 15 -1.32 1.84 11.69
N PRO A 16 -2.18 2.09 12.68
CA PRO A 16 -3.59 2.40 12.45
C PRO A 16 -3.79 3.76 11.80
N ASP A 17 -4.92 3.93 11.11
CA ASP A 17 -5.23 5.20 10.44
C ASP A 17 -4.22 5.49 9.34
N GLY A 18 -3.76 4.43 8.67
CA GLY A 18 -2.80 4.60 7.60
C GLY A 18 -2.80 3.41 6.64
N ASN A 19 -2.13 2.33 7.03
CA ASN A 19 -2.06 1.14 6.20
C ASN A 19 -1.29 1.42 4.91
N CYS A 20 0.03 1.52 5.02
CA CYS A 20 0.88 1.79 3.86
C CYS A 20 0.17 2.72 2.88
N ASN A 21 -0.59 3.67 3.41
CA ASN A 21 -1.32 4.63 2.58
C ASN A 21 -0.41 5.78 2.16
N LYS A 22 0.03 6.57 3.13
CA LYS A 22 0.91 7.70 2.86
C LYS A 22 2.13 7.26 2.06
N HIS A 23 2.57 6.03 2.28
CA HIS A 23 3.73 5.50 1.57
C HIS A 23 3.42 5.31 0.09
N CYS A 24 2.44 4.47 -0.20
CA CYS A 24 2.05 4.21 -1.58
C CYS A 24 1.50 5.47 -2.24
N LYS A 25 1.15 6.45 -1.42
CA LYS A 25 0.62 7.72 -1.92
C LYS A 25 1.72 8.74 -2.14
N GLU A 26 2.82 8.57 -1.42
CA GLU A 26 3.96 9.47 -1.54
C GLU A 26 4.99 8.94 -2.52
N LYS A 27 4.91 7.64 -2.82
CA LYS A 27 5.83 7.01 -3.74
C LYS A 27 5.16 6.76 -5.09
N GLU A 28 4.26 5.78 -5.13
CA GLU A 28 3.54 5.45 -6.35
C GLU A 28 2.33 6.37 -6.55
N HIS A 29 2.01 7.13 -5.52
CA HIS A 29 0.89 8.06 -5.57
C HIS A 29 -0.39 7.32 -5.99
N LEU A 30 -0.66 6.20 -5.32
CA LEU A 30 -1.85 5.41 -5.62
C LEU A 30 -3.01 5.81 -4.72
N LEU A 31 -4.07 5.02 -4.74
CA LEU A 31 -5.25 5.29 -3.92
C LEU A 31 -5.00 4.91 -2.47
N SER A 32 -4.60 3.67 -2.24
CA SER A 32 -4.32 3.18 -0.89
C SER A 32 -3.52 1.88 -0.94
N GLY A 33 -3.38 1.25 0.22
CA GLY A 33 -2.64 0.01 0.30
C GLY A 33 -2.97 -0.80 1.54
N ARG A 34 -3.19 -2.10 1.37
CA ARG A 34 -3.52 -2.97 2.48
C ARG A 34 -2.31 -3.79 2.91
N CYS A 35 -2.11 -3.90 4.22
CA CYS A 35 -0.98 -4.66 4.75
C CYS A 35 -1.40 -6.08 5.11
N ARG A 36 -0.45 -7.01 5.06
CA ARG A 36 -0.72 -8.41 5.38
C ARG A 36 0.34 -8.97 6.31
N ASP A 37 0.19 -10.24 6.68
CA ASP A 37 1.13 -10.90 7.57
C ASP A 37 2.36 -11.38 6.80
N ASP A 38 2.31 -11.25 5.47
CA ASP A 38 3.41 -11.68 4.63
C ASP A 38 4.44 -10.56 4.47
N PHE A 39 4.39 -9.59 5.39
CA PHE A 39 5.32 -8.46 5.35
C PHE A 39 5.22 -7.73 4.02
N ARG A 40 4.10 -7.91 3.33
CA ARG A 40 3.88 -7.25 2.05
C ARG A 40 2.57 -6.48 2.05
N CYS A 41 2.56 -5.33 1.37
CA CYS A 41 1.36 -4.50 1.31
C CYS A 41 0.94 -4.28 -0.14
N TRP A 42 -0.33 -4.55 -0.43
CA TRP A 42 -0.85 -4.39 -1.78
C TRP A 42 -1.50 -3.01 -1.95
N CYS A 43 -0.95 -2.23 -2.88
CA CYS A 43 -1.46 -0.88 -3.15
C CYS A 43 -2.49 -0.91 -4.27
N THR A 44 -3.59 -0.18 -4.07
CA THR A 44 -4.65 -0.12 -5.07
C THR A 44 -4.56 1.18 -5.88
N ARG A 45 -4.65 1.04 -7.20
CA ARG A 45 -4.58 2.20 -8.09
C ARG A 45 -5.62 2.09 -9.19
N ASN A 46 -5.82 3.18 -9.92
CA ASN A 46 -6.80 3.22 -11.00
C ASN A 46 -6.27 2.48 -12.23
N CYS A 47 -7.13 1.67 -12.85
CA CYS A 47 -6.74 0.90 -14.02
C CYS A 47 -7.97 0.50 -14.82
N LYS A 1 -12.45 1.31 -12.59
CA LYS A 1 -11.86 0.07 -12.13
C LYS A 1 -10.53 0.33 -11.42
N THR A 2 -10.10 -0.63 -10.61
CA THR A 2 -8.85 -0.51 -9.87
C THR A 2 -8.15 -1.86 -9.74
N CYS A 3 -6.83 -1.83 -9.66
CA CYS A 3 -6.05 -3.04 -9.54
C CYS A 3 -5.13 -2.97 -8.32
N GLU A 4 -4.73 -4.14 -7.81
CA GLU A 4 -3.86 -4.21 -6.64
C GLU A 4 -2.49 -4.78 -7.03
N ASN A 5 -1.43 -4.12 -6.54
CA ASN A 5 -0.07 -4.57 -6.83
C ASN A 5 0.76 -4.60 -5.57
N LEU A 6 1.68 -5.56 -5.48
CA LEU A 6 2.54 -5.70 -4.32
C LEU A 6 3.50 -4.53 -4.21
N SER A 7 4.03 -4.31 -3.01
CA SER A 7 4.97 -3.21 -2.77
C SER A 7 5.99 -3.60 -1.71
N ASP A 8 7.26 -3.56 -2.08
CA ASP A 8 8.34 -3.89 -1.17
C ASP A 8 8.89 -2.64 -0.49
N SER A 9 8.26 -1.50 -0.76
CA SER A 9 8.69 -0.23 -0.19
C SER A 9 8.18 -0.08 1.24
N PHE A 10 7.10 -0.80 1.55
CA PHE A 10 6.50 -0.74 2.88
C PHE A 10 7.17 -1.74 3.83
N LYS A 11 7.36 -1.32 5.07
CA LYS A 11 7.98 -2.18 6.07
C LYS A 11 7.23 -2.12 7.39
N GLY A 12 7.60 -2.98 8.33
CA GLY A 12 6.96 -3.00 9.63
C GLY A 12 5.49 -3.37 9.53
N PRO A 13 4.89 -3.74 10.68
CA PRO A 13 3.48 -4.13 10.75
C PRO A 13 2.54 -2.95 10.53
N CYS A 14 1.39 -3.22 9.93
CA CYS A 14 0.41 -2.18 9.67
C CYS A 14 0.09 -1.39 10.92
N ILE A 15 0.07 -0.07 10.80
CA ILE A 15 -0.22 0.80 11.94
C ILE A 15 -1.52 1.57 11.72
N PRO A 16 -2.13 2.03 12.83
CA PRO A 16 -3.39 2.78 12.78
C PRO A 16 -3.20 4.18 12.20
N ASP A 17 -1.96 4.61 12.10
CA ASP A 17 -1.63 5.92 11.55
C ASP A 17 -0.99 5.80 10.17
N GLY A 18 -1.82 5.58 9.15
CA GLY A 18 -1.30 5.45 7.80
C GLY A 18 -1.95 4.30 7.05
N ASN A 19 -1.76 3.09 7.57
CA ASN A 19 -2.33 1.89 6.94
C ASN A 19 -1.72 1.67 5.55
N CYS A 20 -0.48 2.13 5.38
CA CYS A 20 0.21 1.97 4.10
C CYS A 20 -0.43 2.85 3.03
N ASN A 21 -1.36 3.71 3.45
CA ASN A 21 -2.05 4.60 2.52
C ASN A 21 -1.15 5.76 2.12
N LYS A 22 -0.71 6.53 3.11
CA LYS A 22 0.16 7.67 2.87
C LYS A 22 1.43 7.24 2.14
N HIS A 23 1.85 6.00 2.36
CA HIS A 23 3.04 5.47 1.72
C HIS A 23 2.84 5.35 0.21
N CYS A 24 1.91 4.50 -0.19
CA CYS A 24 1.63 4.29 -1.61
C CYS A 24 1.14 5.58 -2.26
N LYS A 25 0.71 6.52 -1.43
CA LYS A 25 0.21 7.81 -1.92
C LYS A 25 1.35 8.82 -2.03
N GLU A 26 2.40 8.62 -1.23
CA GLU A 26 3.55 9.51 -1.23
C GLU A 26 4.65 8.99 -2.15
N LYS A 27 4.59 7.71 -2.48
CA LYS A 27 5.57 7.09 -3.35
C LYS A 27 5.03 6.92 -4.76
N GLU A 28 4.13 5.95 -4.93
CA GLU A 28 3.53 5.69 -6.24
C GLU A 28 2.34 6.62 -6.49
N HIS A 29 1.94 7.35 -5.45
CA HIS A 29 0.82 8.28 -5.56
C HIS A 29 -0.42 7.57 -6.08
N LEU A 30 -0.71 6.40 -5.53
CA LEU A 30 -1.87 5.63 -5.95
C LEU A 30 -3.10 6.00 -5.14
N LEU A 31 -4.18 5.23 -5.32
CA LEU A 31 -5.42 5.48 -4.60
C LEU A 31 -5.26 5.15 -3.12
N SER A 32 -4.77 3.95 -2.84
CA SER A 32 -4.57 3.50 -1.46
C SER A 32 -3.64 2.29 -1.41
N GLY A 33 -3.51 1.70 -0.23
CA GLY A 33 -2.65 0.54 -0.07
C GLY A 33 -2.91 -0.19 1.23
N ARG A 34 -3.09 -1.51 1.14
CA ARG A 34 -3.35 -2.33 2.32
C ARG A 34 -2.06 -2.98 2.81
N CYS A 35 -2.12 -3.58 4.01
CA CYS A 35 -0.96 -4.24 4.60
C CYS A 35 -1.19 -5.75 4.71
N ARG A 36 -0.11 -6.50 4.80
CA ARG A 36 -0.19 -7.95 4.91
C ARG A 36 0.75 -8.46 6.00
N ASP A 37 0.46 -9.65 6.51
CA ASP A 37 1.28 -10.26 7.56
C ASP A 37 2.55 -10.87 6.97
N ASP A 38 2.60 -10.97 5.65
CA ASP A 38 3.76 -11.53 4.97
C ASP A 38 4.75 -10.43 4.61
N PHE A 39 4.85 -9.42 5.45
CA PHE A 39 5.76 -8.30 5.22
C PHE A 39 5.58 -7.74 3.81
N ARG A 40 4.34 -7.77 3.32
CA ARG A 40 4.04 -7.26 1.99
C ARG A 40 2.90 -6.25 2.04
N CYS A 41 3.03 -5.17 1.27
CA CYS A 41 2.02 -4.13 1.23
C CYS A 41 1.48 -3.94 -0.19
N TRP A 42 0.18 -4.11 -0.36
CA TRP A 42 -0.45 -3.95 -1.66
C TRP A 42 -0.93 -2.51 -1.87
N CYS A 43 -0.98 -2.09 -3.13
CA CYS A 43 -1.42 -0.74 -3.45
C CYS A 43 -2.51 -0.77 -4.51
N THR A 44 -3.57 0.02 -4.30
CA THR A 44 -4.68 0.08 -5.24
C THR A 44 -4.55 1.27 -6.18
N ARG A 45 -4.64 1.00 -7.48
CA ARG A 45 -4.52 2.05 -8.49
C ARG A 45 -5.58 1.87 -9.57
N ASN A 46 -5.79 2.93 -10.36
CA ASN A 46 -6.78 2.88 -11.43
C ASN A 46 -6.30 2.00 -12.58
N CYS A 47 -7.20 1.17 -13.08
CA CYS A 47 -6.87 0.26 -14.18
C CYS A 47 -8.14 -0.15 -14.94
N LYS A 1 -12.41 1.66 -12.32
CA LYS A 1 -11.79 0.40 -11.93
C LYS A 1 -10.48 0.65 -11.20
N THR A 2 -10.03 -0.34 -10.43
CA THR A 2 -8.79 -0.24 -9.69
C THR A 2 -8.08 -1.59 -9.60
N CYS A 3 -6.75 -1.54 -9.51
CA CYS A 3 -5.95 -2.76 -9.43
C CYS A 3 -5.08 -2.75 -8.18
N GLU A 4 -4.63 -3.93 -7.76
CA GLU A 4 -3.78 -4.05 -6.59
C GLU A 4 -2.43 -4.66 -6.95
N ASN A 5 -1.38 -4.14 -6.33
CA ASN A 5 -0.02 -4.63 -6.58
C ASN A 5 0.79 -4.66 -5.30
N LEU A 6 1.68 -5.64 -5.19
CA LEU A 6 2.54 -5.79 -4.01
C LEU A 6 3.56 -4.66 -3.94
N SER A 7 3.67 -4.03 -2.77
CA SER A 7 4.61 -2.94 -2.58
C SER A 7 5.98 -3.46 -2.17
N ASP A 8 7.01 -3.05 -2.91
CA ASP A 8 8.37 -3.48 -2.62
C ASP A 8 9.10 -2.45 -1.77
N SER A 9 8.58 -1.23 -1.75
CA SER A 9 9.18 -0.15 -0.98
C SER A 9 8.74 -0.21 0.48
N PHE A 10 7.56 -0.76 0.70
CA PHE A 10 7.01 -0.88 2.06
C PHE A 10 7.51 -2.16 2.73
N LYS A 11 7.83 -2.06 4.01
CA LYS A 11 8.33 -3.20 4.77
C LYS A 11 7.55 -3.36 6.08
N GLY A 12 7.37 -4.61 6.49
CA GLY A 12 6.64 -4.87 7.73
C GLY A 12 5.21 -4.38 7.67
N PRO A 13 4.38 -4.85 8.61
CA PRO A 13 2.96 -4.47 8.69
C PRO A 13 2.78 -3.01 9.12
N CYS A 14 1.55 -2.65 9.45
CA CYS A 14 1.24 -1.30 9.88
C CYS A 14 -0.07 -1.25 10.67
N ILE A 15 -0.19 -0.27 11.56
CA ILE A 15 -1.39 -0.12 12.37
C ILE A 15 -2.65 -0.21 11.51
N PRO A 16 -3.78 -0.52 12.16
CA PRO A 16 -5.08 -0.63 11.48
C PRO A 16 -5.61 0.71 11.01
N ASP A 17 -5.05 1.22 9.92
CA ASP A 17 -5.47 2.51 9.37
C ASP A 17 -4.73 2.81 8.08
N GLY A 18 -4.91 4.03 7.57
CA GLY A 18 -4.25 4.43 6.34
C GLY A 18 -2.78 4.75 6.55
N ASN A 19 -2.02 3.78 7.03
CA ASN A 19 -0.60 3.98 7.28
C ASN A 19 0.24 3.43 6.13
N CYS A 20 -0.45 2.96 5.09
CA CYS A 20 0.23 2.42 3.91
C CYS A 20 -0.09 3.24 2.67
N ASN A 21 -1.13 4.07 2.76
CA ASN A 21 -1.54 4.91 1.64
C ASN A 21 -0.57 6.07 1.45
N LYS A 22 -0.08 6.61 2.55
CA LYS A 22 0.87 7.73 2.50
C LYS A 22 2.08 7.37 1.66
N HIS A 23 2.59 6.16 1.83
CA HIS A 23 3.76 5.70 1.07
C HIS A 23 3.40 5.51 -0.40
N CYS A 24 2.38 4.70 -0.65
CA CYS A 24 1.94 4.43 -2.02
C CYS A 24 1.50 5.71 -2.72
N LYS A 25 1.09 6.69 -1.92
CA LYS A 25 0.64 7.98 -2.47
C LYS A 25 1.81 8.94 -2.61
N GLU A 26 2.85 8.72 -1.80
CA GLU A 26 4.03 9.58 -1.83
C GLU A 26 5.06 9.04 -2.83
N LYS A 27 4.90 7.78 -3.20
CA LYS A 27 5.82 7.14 -4.15
C LYS A 27 5.15 6.92 -5.49
N GLU A 28 4.28 5.91 -5.56
CA GLU A 28 3.57 5.60 -6.80
C GLU A 28 2.32 6.47 -6.95
N HIS A 29 2.12 7.38 -5.99
CA HIS A 29 0.98 8.27 -6.02
C HIS A 29 -0.30 7.51 -6.35
N LEU A 30 -0.48 6.37 -5.70
CA LEU A 30 -1.67 5.54 -5.93
C LEU A 30 -2.85 6.03 -5.09
N LEU A 31 -3.89 5.21 -5.01
CA LEU A 31 -5.08 5.56 -4.24
C LEU A 31 -4.86 5.29 -2.75
N SER A 32 -4.50 4.04 -2.43
CA SER A 32 -4.26 3.65 -1.05
C SER A 32 -3.49 2.33 -0.99
N GLY A 33 -3.39 1.77 0.21
CA GLY A 33 -2.68 0.52 0.39
C GLY A 33 -2.96 -0.13 1.73
N ARG A 34 -2.56 -1.39 1.88
CA ARG A 34 -2.77 -2.11 3.12
C ARG A 34 -1.62 -3.08 3.40
N CYS A 35 -1.13 -3.09 4.63
CA CYS A 35 -0.03 -3.96 5.02
C CYS A 35 -0.55 -5.26 5.64
N ARG A 36 0.30 -6.26 5.69
CA ARG A 36 -0.08 -7.55 6.25
C ARG A 36 1.04 -8.10 7.14
N ASP A 37 0.81 -9.29 7.69
CA ASP A 37 1.80 -9.93 8.57
C ASP A 37 2.88 -10.61 7.74
N ASP A 38 2.69 -10.64 6.43
CA ASP A 38 3.66 -11.27 5.53
C ASP A 38 4.69 -10.25 5.06
N PHE A 39 4.80 -9.14 5.78
CA PHE A 39 5.75 -8.10 5.44
C PHE A 39 5.48 -7.56 4.03
N ARG A 40 4.25 -7.75 3.56
CA ARG A 40 3.85 -7.29 2.23
C ARG A 40 2.66 -6.34 2.32
N CYS A 41 2.70 -5.28 1.52
CA CYS A 41 1.63 -4.29 1.50
C CYS A 41 1.08 -4.11 0.09
N TRP A 42 -0.22 -4.30 -0.06
CA TRP A 42 -0.87 -4.16 -1.36
C TRP A 42 -1.41 -2.75 -1.55
N CYS A 43 -1.06 -2.13 -2.68
CA CYS A 43 -1.51 -0.77 -2.98
C CYS A 43 -2.55 -0.78 -4.10
N THR A 44 -3.60 0.03 -3.92
CA THR A 44 -4.66 0.12 -4.91
C THR A 44 -4.47 1.33 -5.81
N ARG A 45 -4.59 1.13 -7.12
CA ARG A 45 -4.43 2.21 -8.08
C ARG A 45 -5.50 2.12 -9.18
N ASN A 46 -5.64 3.19 -9.94
CA ASN A 46 -6.62 3.23 -11.03
C ASN A 46 -6.16 2.38 -12.21
N CYS A 47 -7.06 1.60 -12.77
CA CYS A 47 -6.76 0.75 -13.90
C CYS A 47 -8.03 0.36 -14.67
N LYS A 1 -11.83 1.72 -12.96
CA LYS A 1 -11.24 0.45 -12.55
C LYS A 1 -10.00 0.67 -11.69
N THR A 2 -9.62 -0.36 -10.95
CA THR A 2 -8.44 -0.28 -10.09
C THR A 2 -7.72 -1.62 -10.01
N CYS A 3 -6.41 -1.57 -9.82
CA CYS A 3 -5.60 -2.78 -9.73
C CYS A 3 -4.76 -2.78 -8.46
N GLU A 4 -4.36 -3.97 -8.02
CA GLU A 4 -3.56 -4.11 -6.82
C GLU A 4 -2.20 -4.75 -7.13
N ASN A 5 -1.16 -4.24 -6.49
CA ASN A 5 0.19 -4.74 -6.69
C ASN A 5 0.95 -4.83 -5.38
N LEU A 6 1.80 -5.85 -5.26
CA LEU A 6 2.60 -6.05 -4.05
C LEU A 6 3.68 -4.99 -3.93
N SER A 7 3.75 -4.35 -2.76
CA SER A 7 4.74 -3.31 -2.51
C SER A 7 6.04 -3.90 -1.98
N ASP A 8 7.14 -3.65 -2.69
CA ASP A 8 8.44 -4.17 -2.29
C ASP A 8 9.22 -3.12 -1.50
N SER A 9 8.91 -1.85 -1.75
CA SER A 9 9.58 -0.75 -1.06
C SER A 9 8.94 -0.49 0.30
N PHE A 10 7.78 -1.09 0.53
CA PHE A 10 7.07 -0.93 1.79
C PHE A 10 7.54 -1.95 2.83
N LYS A 11 8.10 -1.45 3.93
CA LYS A 11 8.60 -2.33 4.99
C LYS A 11 8.30 -1.73 6.36
N GLY A 12 8.71 -2.44 7.40
CA GLY A 12 8.48 -1.96 8.76
C GLY A 12 7.08 -2.30 9.25
N PRO A 13 6.79 -1.91 10.50
CA PRO A 13 5.48 -2.15 11.12
C PRO A 13 4.37 -1.31 10.49
N CYS A 14 3.13 -1.61 10.85
CA CYS A 14 1.98 -0.87 10.33
C CYS A 14 1.09 -0.36 11.46
N ILE A 15 0.21 0.57 11.14
CA ILE A 15 -0.69 1.14 12.12
C ILE A 15 -2.10 1.33 11.54
N PRO A 16 -3.09 1.47 12.42
CA PRO A 16 -4.49 1.66 12.01
C PRO A 16 -4.72 3.03 11.39
N ASP A 17 -5.93 3.24 10.87
CA ASP A 17 -6.28 4.51 10.24
C ASP A 17 -5.54 4.68 8.92
N GLY A 18 -5.30 3.57 8.23
CA GLY A 18 -4.60 3.63 6.96
C GLY A 18 -3.19 4.14 7.09
N ASN A 19 -2.22 3.24 6.98
CA ASN A 19 -0.82 3.60 7.10
C ASN A 19 -0.06 3.29 5.82
N CYS A 20 -0.49 2.24 5.13
CA CYS A 20 0.14 1.84 3.87
C CYS A 20 -0.36 2.68 2.71
N ASN A 21 -1.44 3.43 2.94
CA ASN A 21 -2.02 4.28 1.91
C ASN A 21 -1.14 5.50 1.66
N LYS A 22 -0.90 6.28 2.72
CA LYS A 22 -0.07 7.47 2.61
C LYS A 22 1.26 7.16 1.93
N HIS A 23 1.76 5.96 2.17
CA HIS A 23 3.03 5.53 1.58
C HIS A 23 2.92 5.44 0.06
N CYS A 24 2.10 4.51 -0.42
CA CYS A 24 1.90 4.32 -1.85
C CYS A 24 1.26 5.57 -2.47
N LYS A 25 0.71 6.43 -1.63
CA LYS A 25 0.07 7.64 -2.10
C LYS A 25 1.07 8.80 -2.18
N GLU A 26 2.13 8.70 -1.39
CA GLU A 26 3.16 9.73 -1.38
C GLU A 26 4.33 9.35 -2.29
N LYS A 27 4.42 8.06 -2.61
CA LYS A 27 5.49 7.56 -3.47
C LYS A 27 4.96 7.23 -4.85
N GLU A 28 4.15 6.17 -4.94
CA GLU A 28 3.58 5.76 -6.22
C GLU A 28 2.34 6.57 -6.55
N HIS A 29 1.97 7.47 -5.65
CA HIS A 29 0.80 8.32 -5.85
C HIS A 29 -0.42 7.50 -6.26
N LEU A 30 -0.63 6.39 -5.55
CA LEU A 30 -1.75 5.50 -5.83
C LEU A 30 -3.00 5.94 -5.07
N LEU A 31 -3.98 5.05 -4.97
CA LEU A 31 -5.21 5.33 -4.26
C LEU A 31 -5.07 5.04 -2.77
N SER A 32 -4.65 3.81 -2.46
CA SER A 32 -4.46 3.40 -1.07
C SER A 32 -3.63 2.13 -0.98
N GLY A 33 -3.45 1.62 0.23
CA GLY A 33 -2.67 0.40 0.42
C GLY A 33 -3.01 -0.31 1.72
N ARG A 34 -2.62 -1.56 1.82
CA ARG A 34 -2.90 -2.36 3.01
C ARG A 34 -1.77 -3.36 3.27
N CYS A 35 -1.39 -3.50 4.53
CA CYS A 35 -0.33 -4.41 4.91
C CYS A 35 -0.87 -5.83 5.11
N ARG A 36 0.03 -6.79 5.31
CA ARG A 36 -0.36 -8.18 5.51
C ARG A 36 0.53 -8.84 6.55
N ASP A 37 0.20 -10.08 6.89
CA ASP A 37 0.97 -10.84 7.87
C ASP A 37 2.25 -11.39 7.25
N ASP A 38 2.28 -11.46 5.92
CA ASP A 38 3.44 -11.97 5.21
C ASP A 38 4.38 -10.84 4.84
N PHE A 39 4.39 -9.78 5.64
CA PHE A 39 5.25 -8.63 5.40
C PHE A 39 5.00 -8.06 4.00
N ARG A 40 3.81 -8.31 3.46
CA ARG A 40 3.46 -7.83 2.14
C ARG A 40 2.40 -6.72 2.23
N CYS A 41 2.55 -5.70 1.38
CA CYS A 41 1.62 -4.58 1.38
C CYS A 41 1.08 -4.35 -0.03
N TRP A 42 -0.23 -4.51 -0.19
CA TRP A 42 -0.87 -4.32 -1.48
C TRP A 42 -1.36 -2.88 -1.64
N CYS A 43 -1.11 -2.29 -2.80
CA CYS A 43 -1.53 -0.92 -3.08
C CYS A 43 -2.52 -0.87 -4.23
N THR A 44 -3.60 -0.11 -4.05
CA THR A 44 -4.62 0.02 -5.08
C THR A 44 -4.38 1.26 -5.93
N ARG A 45 -4.42 1.08 -7.25
CA ARG A 45 -4.21 2.19 -8.18
C ARG A 45 -5.19 2.11 -9.34
N ASN A 46 -5.43 3.25 -10.00
CA ASN A 46 -6.34 3.31 -11.12
C ASN A 46 -5.79 2.53 -12.31
N CYS A 47 -6.65 1.75 -12.94
CA CYS A 47 -6.26 0.94 -14.10
C CYS A 47 -7.47 0.55 -14.93
N LYS A 1 -11.72 1.56 -13.46
CA LYS A 1 -11.17 0.29 -12.98
C LYS A 1 -9.93 0.53 -12.12
N THR A 2 -9.57 -0.45 -11.30
CA THR A 2 -8.41 -0.36 -10.43
C THR A 2 -7.73 -1.71 -10.26
N CYS A 3 -6.43 -1.69 -10.05
CA CYS A 3 -5.65 -2.91 -9.87
C CYS A 3 -4.85 -2.87 -8.59
N GLU A 4 -4.47 -4.04 -8.08
CA GLU A 4 -3.70 -4.14 -6.85
C GLU A 4 -2.35 -4.80 -7.10
N ASN A 5 -1.31 -4.27 -6.46
CA ASN A 5 0.04 -4.80 -6.61
C ASN A 5 0.78 -4.81 -5.29
N LEU A 6 1.63 -5.81 -5.09
CA LEU A 6 2.41 -5.93 -3.86
C LEU A 6 3.48 -4.85 -3.78
N SER A 7 3.53 -4.15 -2.66
CA SER A 7 4.50 -3.08 -2.46
C SER A 7 5.81 -3.64 -1.90
N ASP A 8 6.90 -3.39 -2.60
CA ASP A 8 8.21 -3.87 -2.17
C ASP A 8 8.96 -2.77 -1.41
N SER A 9 8.53 -1.53 -1.60
CA SER A 9 9.16 -0.39 -0.93
C SER A 9 8.62 -0.22 0.48
N PHE A 10 7.47 -0.81 0.74
CA PHE A 10 6.83 -0.72 2.06
C PHE A 10 7.36 -1.82 2.99
N LYS A 11 7.83 -1.42 4.16
CA LYS A 11 8.35 -2.36 5.13
C LYS A 11 8.10 -1.87 6.56
N GLY A 12 8.53 -2.65 7.53
CA GLY A 12 8.34 -2.28 8.93
C GLY A 12 6.97 -2.64 9.44
N PRO A 13 6.80 -2.58 10.78
CA PRO A 13 5.52 -2.90 11.42
C PRO A 13 4.46 -1.87 11.14
N CYS A 14 3.56 -2.18 10.21
CA CYS A 14 2.47 -1.26 9.86
C CYS A 14 1.32 -1.35 10.85
N ILE A 15 1.21 -0.36 11.71
CA ILE A 15 0.15 -0.32 12.72
C ILE A 15 -1.20 -0.64 12.09
N PRO A 16 -2.16 -1.06 12.93
CA PRO A 16 -3.51 -1.39 12.49
C PRO A 16 -4.31 -0.17 12.06
N ASP A 17 -3.93 0.41 10.92
CA ASP A 17 -4.60 1.59 10.40
C ASP A 17 -4.02 2.00 9.05
N GLY A 18 -4.50 3.13 8.53
CA GLY A 18 -4.00 3.61 7.25
C GLY A 18 -2.60 4.18 7.34
N ASN A 19 -1.61 3.29 7.40
CA ASN A 19 -0.21 3.71 7.49
C ASN A 19 0.52 3.44 6.18
N CYS A 20 -0.09 2.63 5.32
CA CYS A 20 0.51 2.29 4.03
C CYS A 20 -0.17 3.05 2.89
N ASN A 21 -1.26 3.73 3.22
CA ASN A 21 -2.02 4.50 2.23
C ASN A 21 -1.24 5.75 1.82
N LYS A 22 -0.76 6.49 2.81
CA LYS A 22 0.00 7.72 2.55
C LYS A 22 1.30 7.40 1.84
N HIS A 23 1.83 6.19 2.06
CA HIS A 23 3.08 5.78 1.43
C HIS A 23 2.90 5.64 -0.07
N CYS A 24 2.07 4.69 -0.48
CA CYS A 24 1.81 4.46 -1.90
C CYS A 24 1.20 5.70 -2.55
N LYS A 25 0.68 6.60 -1.74
CA LYS A 25 0.07 7.82 -2.23
C LYS A 25 1.08 8.95 -2.33
N GLU A 26 2.15 8.84 -1.54
CA GLU A 26 3.20 9.84 -1.53
C GLU A 26 4.37 9.43 -2.43
N LYS A 27 4.44 8.14 -2.74
CA LYS A 27 5.49 7.61 -3.59
C LYS A 27 4.96 7.28 -4.98
N GLU A 28 4.14 6.24 -5.06
CA GLU A 28 3.56 5.82 -6.33
C GLU A 28 2.33 6.65 -6.66
N HIS A 29 1.94 7.54 -5.75
CA HIS A 29 0.78 8.39 -5.95
C HIS A 29 -0.42 7.58 -6.41
N LEU A 30 -0.67 6.46 -5.74
CA LEU A 30 -1.78 5.59 -6.08
C LEU A 30 -3.06 6.05 -5.38
N LEU A 31 -4.09 5.21 -5.44
CA LEU A 31 -5.37 5.53 -4.80
C LEU A 31 -5.32 5.25 -3.31
N SER A 32 -4.90 4.04 -2.94
CA SER A 32 -4.81 3.64 -1.55
C SER A 32 -3.97 2.38 -1.39
N GLY A 33 -3.93 1.85 -0.18
CA GLY A 33 -3.17 0.64 0.09
C GLY A 33 -3.51 0.01 1.42
N ARG A 34 -3.05 -1.22 1.63
CA ARG A 34 -3.31 -1.93 2.87
C ARG A 34 -2.12 -2.80 3.26
N CYS A 35 -1.96 -3.04 4.57
CA CYS A 35 -0.86 -3.85 5.07
C CYS A 35 -1.33 -5.27 5.34
N ARG A 36 -0.37 -6.19 5.46
CA ARG A 36 -0.68 -7.58 5.71
C ARG A 36 0.23 -8.16 6.80
N ASP A 37 -0.05 -9.38 7.21
CA ASP A 37 0.76 -10.04 8.24
C ASP A 37 2.05 -10.59 7.67
N ASP A 38 2.05 -10.82 6.35
CA ASP A 38 3.23 -11.34 5.67
C ASP A 38 4.15 -10.21 5.22
N PHE A 39 4.16 -9.13 5.99
CA PHE A 39 4.99 -7.98 5.67
C PHE A 39 4.74 -7.50 4.23
N ARG A 40 3.54 -7.78 3.73
CA ARG A 40 3.17 -7.39 2.39
C ARG A 40 2.12 -6.28 2.40
N CYS A 41 2.27 -5.31 1.52
CA CYS A 41 1.33 -4.20 1.44
C CYS A 41 0.80 -4.03 0.00
N TRP A 42 -0.50 -4.22 -0.16
CA TRP A 42 -1.12 -4.09 -1.47
C TRP A 42 -1.63 -2.67 -1.71
N CYS A 43 -1.31 -2.11 -2.87
CA CYS A 43 -1.72 -0.76 -3.21
C CYS A 43 -2.67 -0.77 -4.39
N THR A 44 -3.75 0.02 -4.29
CA THR A 44 -4.73 0.10 -5.36
C THR A 44 -4.47 1.31 -6.26
N ARG A 45 -4.46 1.06 -7.57
CA ARG A 45 -4.22 2.12 -8.54
C ARG A 45 -5.17 2.00 -9.73
N ASN A 46 -5.31 3.09 -10.48
CA ASN A 46 -6.19 3.10 -11.64
C ASN A 46 -5.62 2.24 -12.76
N CYS A 47 -6.48 1.43 -13.38
CA CYS A 47 -6.06 0.55 -14.47
C CYS A 47 -7.25 0.17 -15.34
N LYS A 1 -11.79 1.62 -13.35
CA LYS A 1 -11.22 0.35 -12.92
C LYS A 1 -9.96 0.58 -12.08
N THR A 2 -9.58 -0.43 -11.30
CA THR A 2 -8.40 -0.34 -10.45
C THR A 2 -7.68 -1.68 -10.35
N CYS A 3 -6.37 -1.63 -10.17
CA CYS A 3 -5.57 -2.84 -10.06
C CYS A 3 -4.79 -2.87 -8.74
N GLU A 4 -4.35 -4.05 -8.34
CA GLU A 4 -3.60 -4.20 -7.11
C GLU A 4 -2.23 -4.82 -7.38
N ASN A 5 -1.21 -4.33 -6.68
CA ASN A 5 0.15 -4.83 -6.85
C ASN A 5 0.90 -4.84 -5.52
N LEU A 6 1.76 -5.83 -5.34
CA LEU A 6 2.54 -5.96 -4.12
C LEU A 6 3.58 -4.84 -4.02
N SER A 7 3.59 -4.14 -2.89
CA SER A 7 4.53 -3.06 -2.67
C SER A 7 5.84 -3.58 -2.09
N ASP A 8 6.95 -3.25 -2.76
CA ASP A 8 8.26 -3.69 -2.30
C ASP A 8 8.95 -2.60 -1.49
N SER A 9 8.45 -1.37 -1.61
CA SER A 9 9.01 -0.24 -0.88
C SER A 9 8.46 -0.17 0.54
N PHE A 10 7.42 -0.96 0.80
CA PHE A 10 6.78 -1.00 2.11
C PHE A 10 7.50 -1.98 3.03
N LYS A 11 7.85 -1.52 4.23
CA LYS A 11 8.54 -2.36 5.20
C LYS A 11 8.14 -1.97 6.63
N GLY A 12 8.72 -2.65 7.60
CA GLY A 12 8.41 -2.37 9.00
C GLY A 12 7.02 -2.79 9.38
N PRO A 13 6.74 -2.85 10.69
CA PRO A 13 5.43 -3.24 11.22
C PRO A 13 4.35 -2.20 10.93
N CYS A 14 3.37 -2.57 10.13
CA CYS A 14 2.28 -1.67 9.78
C CYS A 14 1.67 -1.04 11.03
N ILE A 15 1.24 0.21 10.91
CA ILE A 15 0.64 0.92 12.04
C ILE A 15 -0.76 1.38 11.70
N PRO A 16 -1.56 1.67 12.73
CA PRO A 16 -2.94 2.13 12.58
C PRO A 16 -3.02 3.54 12.00
N ASP A 17 -4.22 3.94 11.60
CA ASP A 17 -4.43 5.27 11.02
C ASP A 17 -3.66 5.43 9.72
N GLY A 18 -3.44 4.32 9.03
CA GLY A 18 -2.70 4.35 7.77
C GLY A 18 -3.06 3.20 6.86
N ASN A 19 -2.56 2.01 7.19
CA ASN A 19 -2.82 0.82 6.40
C ASN A 19 -2.09 0.89 5.05
N CYS A 20 -0.88 1.44 5.07
CA CYS A 20 -0.08 1.57 3.86
C CYS A 20 -0.76 2.50 2.86
N ASN A 21 -1.73 3.27 3.33
CA ASN A 21 -2.46 4.20 2.49
C ASN A 21 -1.62 5.45 2.21
N LYS A 22 -0.95 5.94 3.25
CA LYS A 22 -0.11 7.12 3.12
C LYS A 22 1.19 6.80 2.40
N HIS A 23 1.68 5.58 2.59
CA HIS A 23 2.92 5.15 1.95
C HIS A 23 2.75 5.07 0.43
N CYS A 24 1.80 4.26 -0.02
CA CYS A 24 1.54 4.11 -1.44
C CYS A 24 1.11 5.43 -2.06
N LYS A 25 0.56 6.31 -1.25
CA LYS A 25 0.11 7.62 -1.72
C LYS A 25 1.25 8.63 -1.68
N GLU A 26 2.26 8.36 -0.86
CA GLU A 26 3.41 9.25 -0.74
C GLU A 26 4.54 8.79 -1.65
N LYS A 27 4.48 7.54 -2.09
CA LYS A 27 5.50 6.99 -2.98
C LYS A 27 4.98 6.88 -4.41
N GLU A 28 4.13 5.89 -4.66
CA GLU A 28 3.55 5.69 -5.98
C GLU A 28 2.34 6.58 -6.19
N HIS A 29 1.99 7.35 -5.17
CA HIS A 29 0.84 8.24 -5.24
C HIS A 29 -0.38 7.53 -5.82
N LEU A 30 -0.63 6.32 -5.32
CA LEU A 30 -1.77 5.52 -5.79
C LEU A 30 -3.05 5.92 -5.05
N LEU A 31 -4.10 5.13 -5.24
CA LEU A 31 -5.37 5.39 -4.58
C LEU A 31 -5.31 5.06 -3.10
N SER A 32 -4.91 3.83 -2.80
CA SER A 32 -4.80 3.38 -1.41
C SER A 32 -3.97 2.10 -1.30
N GLY A 33 -3.96 1.50 -0.12
CA GLY A 33 -3.21 0.28 0.09
C GLY A 33 -3.58 -0.42 1.37
N ARG A 34 -3.05 -1.63 1.57
CA ARG A 34 -3.34 -2.41 2.76
C ARG A 34 -2.12 -3.25 3.17
N CYS A 35 -1.82 -3.25 4.46
CA CYS A 35 -0.69 -4.02 4.98
C CYS A 35 -1.07 -5.49 5.15
N ARG A 36 -0.06 -6.34 5.29
CA ARG A 36 -0.28 -7.78 5.46
C ARG A 36 0.60 -8.33 6.58
N ASP A 37 0.48 -9.62 6.83
CA ASP A 37 1.26 -10.28 7.86
C ASP A 37 2.66 -10.65 7.36
N ASP A 38 2.76 -10.84 6.05
CA ASP A 38 4.04 -11.20 5.42
C ASP A 38 4.79 -9.94 4.99
N PHE A 39 4.56 -8.84 5.70
CA PHE A 39 5.22 -7.58 5.38
C PHE A 39 4.87 -7.12 3.97
N ARG A 40 3.81 -7.70 3.40
CA ARG A 40 3.37 -7.36 2.06
C ARG A 40 2.29 -6.28 2.10
N CYS A 41 2.33 -5.37 1.14
CA CYS A 41 1.35 -4.29 1.07
C CYS A 41 0.80 -4.15 -0.34
N TRP A 42 -0.49 -4.42 -0.50
CA TRP A 42 -1.15 -4.32 -1.80
C TRP A 42 -1.71 -2.93 -2.02
N CYS A 43 -1.15 -2.21 -2.98
CA CYS A 43 -1.60 -0.86 -3.29
C CYS A 43 -2.56 -0.87 -4.47
N THR A 44 -3.63 -0.07 -4.35
CA THR A 44 -4.64 0.00 -5.41
C THR A 44 -4.44 1.25 -6.26
N ARG A 45 -4.43 1.06 -7.57
CA ARG A 45 -4.25 2.18 -8.51
C ARG A 45 -5.22 2.07 -9.68
N ASN A 46 -5.39 3.17 -10.40
CA ASN A 46 -6.29 3.19 -11.56
C ASN A 46 -5.70 2.39 -12.72
N CYS A 47 -6.55 1.59 -13.35
CA CYS A 47 -6.12 0.78 -14.48
C CYS A 47 -7.31 0.38 -15.36
#